data_2XAE
#
_entry.id   2XAE
#
_cell.length_a   96.770
_cell.length_b   96.770
_cell.length_c   124.751
_cell.angle_alpha   90.00
_cell.angle_beta   90.00
_cell.angle_gamma   120.00
#
_symmetry.space_group_name_H-M   'P 32'
#
loop_
_entity.id
_entity.type
_entity.pdbx_description
1 polymer 'KINESIN-LIKE PROTEIN KIF11'
2 non-polymer '(2R)-2-AMINO-3-[(4-CHLOROPHENYL)-DIPHENYL-METHYL]SULFANYL-PROPANOIC ACID'
3 non-polymer 'MAGNESIUM ION'
4 non-polymer "ADENOSINE-5'-DIPHOSPHATE"
5 non-polymer 'CHLORIDE ION'
6 non-polymer 'SULFATE ION'
7 water water
#
_entity_poly.entity_id   1
_entity_poly.type   'polypeptide(L)'
_entity_poly.pdbx_seq_one_letter_code
;MASQPNSSAKKKEEKGKNIQVVVRCRPFNLAERKASAHSIVECDPVRKEVSVRTGGLADKSSRKTYTFDMVFGASTKQID
VYRSVVCPILDEVIMGYNCTIFAYGQTGTGKTFTMEGERSPNEEYTWEEDPLAGIIPRTLHQIFEKLTDNGTEFSVKVSL
LEIYNEELFDLLNPSSDVSERLQMFDDPRNKRGVIIKGLEEITVHNKDEVYQILEKGAAKRTTAATLMNAYSSRSHSVFS
VTIHMKETTIDGEELVKIGKLNLVDLAGSENIGRSGAVDKRAREAGNINQSLLTLGRVITALVERTPHVPYRESKLTRIL
QDSLGGRTRTSIIATISPASLNLEETLSTLEYAHRAKNILNKPEVNQK
;
_entity_poly.pdbx_strand_id   A,B,C
#
# COMPACT_ATOMS: atom_id res chain seq x y z
N LYS A 17 42.77 -5.23 -8.39
CA LYS A 17 42.06 -5.58 -9.67
C LYS A 17 40.56 -5.28 -9.69
N ASN A 18 40.17 -4.29 -10.51
CA ASN A 18 38.80 -3.77 -10.62
C ASN A 18 37.70 -4.79 -10.89
N ILE A 19 36.55 -4.57 -10.24
CA ILE A 19 35.35 -5.30 -10.56
C ILE A 19 35.04 -5.11 -12.04
N GLN A 20 34.68 -6.17 -12.74
CA GLN A 20 34.25 -5.96 -14.11
C GLN A 20 32.76 -5.78 -14.11
N VAL A 21 32.27 -4.91 -14.98
CA VAL A 21 30.85 -4.60 -15.06
C VAL A 21 30.36 -4.67 -16.49
N VAL A 22 29.30 -5.41 -16.68
CA VAL A 22 28.72 -5.52 -18.01
C VAL A 22 27.28 -5.07 -17.89
N VAL A 23 26.70 -4.77 -19.03
CA VAL A 23 25.34 -4.26 -19.07
C VAL A 23 24.61 -5.15 -20.02
N ARG A 24 23.40 -5.56 -19.65
CA ARG A 24 22.61 -6.32 -20.62
C ARG A 24 21.22 -5.71 -20.72
N CYS A 25 20.83 -5.38 -21.94
CA CYS A 25 19.57 -4.71 -22.19
C CYS A 25 18.63 -5.78 -22.69
N ARG A 26 17.45 -5.91 -22.13
CA ARG A 26 16.54 -6.92 -22.67
C ARG A 26 15.72 -6.34 -23.83
N PRO A 27 15.06 -7.21 -24.62
CA PRO A 27 14.14 -6.73 -25.65
C PRO A 27 12.85 -6.29 -24.99
N PHE A 28 12.03 -5.52 -25.71
CA PHE A 28 10.68 -5.21 -25.26
C PHE A 28 9.86 -6.44 -24.91
N ASN A 29 9.05 -6.30 -23.86
CA ASN A 29 8.08 -7.33 -23.49
C ASN A 29 6.73 -6.96 -24.10
N LEU A 30 5.86 -7.94 -24.27
CA LEU A 30 4.50 -7.69 -24.80
C LEU A 30 3.77 -6.42 -24.31
N ALA A 31 3.88 -6.10 -23.02
CA ALA A 31 3.19 -4.94 -22.45
C ALA A 31 3.76 -3.64 -23.05
N GLU A 32 5.09 -3.57 -23.15
CA GLU A 32 5.74 -2.47 -23.84
C GLU A 32 5.31 -2.43 -25.31
N ARG A 33 5.37 -3.55 -26.03
CA ARG A 33 4.90 -3.62 -27.41
CA ARG A 33 4.94 -3.50 -27.41
C ARG A 33 3.50 -3.02 -27.52
N LYS A 34 2.61 -3.48 -26.64
CA LYS A 34 1.20 -3.06 -26.70
C LYS A 34 0.95 -1.56 -26.44
N ALA A 35 1.76 -0.97 -25.56
CA ALA A 35 1.74 0.46 -25.25
C ALA A 35 2.57 1.32 -26.22
N SER A 36 2.95 0.73 -27.36
CA SER A 36 3.78 1.35 -28.40
C SER A 36 5.03 2.04 -27.90
N ALA A 37 5.84 1.38 -27.10
CA ALA A 37 6.97 2.00 -26.45
C ALA A 37 8.09 2.42 -27.41
N HIS A 38 8.77 3.53 -27.16
CA HIS A 38 9.99 3.84 -27.90
C HIS A 38 11.23 3.38 -27.10
N SER A 39 12.23 2.92 -27.83
CA SER A 39 13.48 2.58 -27.22
C SER A 39 14.12 3.89 -26.88
N ILE A 40 14.88 3.95 -25.79
CA ILE A 40 15.77 5.06 -25.54
C ILE A 40 17.16 4.59 -25.28
N VAL A 41 17.49 3.38 -25.66
CA VAL A 41 18.77 2.86 -25.26
C VAL A 41 19.45 2.40 -26.53
N GLU A 42 20.69 2.81 -26.74
CA GLU A 42 21.46 2.33 -27.88
C GLU A 42 22.70 1.64 -27.36
N CYS A 43 22.88 0.39 -27.74
CA CYS A 43 24.06 -0.37 -27.33
C CYS A 43 25.02 -0.51 -28.49
N ASP A 44 26.31 -0.37 -28.19
CA ASP A 44 27.33 -0.53 -29.20
C ASP A 44 28.35 -1.52 -28.68
N PRO A 45 28.08 -2.83 -28.85
CA PRO A 45 28.92 -3.89 -28.30
C PRO A 45 30.37 -3.67 -28.61
N VAL A 46 30.67 -3.27 -29.85
CA VAL A 46 32.06 -3.15 -30.26
C VAL A 46 32.78 -1.98 -29.62
N ARG A 47 32.10 -0.88 -29.32
CA ARG A 47 32.81 0.15 -28.58
C ARG A 47 32.60 -0.03 -27.09
N LYS A 48 31.81 -1.05 -26.72
CA LYS A 48 31.48 -1.36 -25.32
C LYS A 48 30.73 -0.24 -24.60
N GLU A 49 29.76 0.34 -25.30
CA GLU A 49 29.21 1.62 -24.94
C GLU A 49 27.69 1.49 -24.92
N VAL A 50 27.04 2.22 -24.00
CA VAL A 50 25.57 2.33 -23.95
C VAL A 50 25.22 3.78 -23.95
N SER A 51 24.26 4.16 -24.78
CA SER A 51 23.97 5.56 -24.85
C SER A 51 22.49 5.71 -24.61
N VAL A 52 22.07 6.52 -23.66
CA VAL A 52 20.65 6.67 -23.32
C VAL A 52 20.13 8.02 -23.77
N ARG A 53 18.94 8.02 -24.33
CA ARG A 53 18.34 9.23 -24.90
C ARG A 53 17.46 9.86 -23.80
N THR A 54 17.87 11.02 -23.29
CA THR A 54 17.28 11.48 -22.05
C THR A 54 16.26 12.63 -22.07
N GLY A 55 15.88 13.12 -23.25
CA GLY A 55 15.25 14.43 -23.32
C GLY A 55 13.85 14.44 -23.86
N GLY A 56 13.28 13.25 -24.04
CA GLY A 56 11.86 13.08 -24.36
C GLY A 56 11.42 13.87 -25.58
N LEU A 57 10.30 14.57 -25.46
CA LEU A 57 9.78 15.33 -26.57
C LEU A 57 10.48 16.67 -26.57
N ALA A 58 11.22 16.95 -25.49
CA ALA A 58 11.72 18.29 -25.25
C ALA A 58 13.00 18.56 -25.97
N ASP A 59 13.90 17.58 -25.88
CA ASP A 59 15.24 17.75 -26.38
C ASP A 59 15.63 16.44 -27.01
N LYS A 60 15.48 16.37 -28.33
CA LYS A 60 15.73 15.14 -29.04
C LYS A 60 17.22 14.74 -29.13
N SER A 61 18.14 15.65 -28.83
CA SER A 61 19.55 15.36 -29.05
C SER A 61 20.33 14.93 -27.80
N SER A 62 19.84 15.22 -26.58
CA SER A 62 20.69 14.95 -25.42
C SER A 62 20.74 13.44 -25.07
N ARG A 63 21.94 13.03 -24.64
CA ARG A 63 22.25 11.62 -24.38
C ARG A 63 23.11 11.47 -23.11
N LYS A 64 23.05 10.32 -22.48
CA LYS A 64 24.06 9.98 -21.48
C LYS A 64 24.69 8.72 -21.99
N THR A 65 26.01 8.72 -22.00
CA THR A 65 26.77 7.63 -22.60
C THR A 65 27.73 7.02 -21.61
N TYR A 66 27.90 5.71 -21.65
CA TYR A 66 28.75 5.08 -20.67
C TYR A 66 29.48 3.96 -21.34
N THR A 67 30.73 3.77 -20.91
CA THR A 67 31.59 2.70 -21.38
C THR A 67 31.65 1.57 -20.33
N PHE A 68 31.61 0.32 -20.75
CA PHE A 68 31.73 -0.72 -19.76
C PHE A 68 32.68 -1.79 -20.22
N ASP A 69 32.91 -2.81 -19.41
CA ASP A 69 33.78 -3.91 -19.85
C ASP A 69 33.15 -4.73 -20.98
N MET A 70 31.83 -4.85 -20.97
CA MET A 70 31.11 -5.35 -22.12
C MET A 70 29.68 -4.85 -22.10
N VAL A 71 29.04 -4.83 -23.27
CA VAL A 71 27.68 -4.39 -23.37
C VAL A 71 27.02 -5.37 -24.30
N PHE A 72 25.84 -5.82 -23.87
CA PHE A 72 24.99 -6.76 -24.56
C PHE A 72 23.67 -6.10 -24.87
N GLY A 73 23.38 -6.04 -26.16
CA GLY A 73 22.14 -5.47 -26.62
C GLY A 73 21.01 -6.45 -26.55
N ALA A 74 19.81 -5.91 -26.81
CA ALA A 74 18.54 -6.63 -26.86
C ALA A 74 18.63 -8.03 -27.41
N SER A 75 19.26 -8.21 -28.56
CA SER A 75 19.25 -9.50 -29.21
C SER A 75 20.39 -10.43 -28.76
N THR A 76 20.97 -10.18 -27.59
CA THR A 76 21.93 -11.10 -26.99
C THR A 76 21.20 -12.32 -26.40
N LYS A 77 21.67 -13.51 -26.73
CA LYS A 77 21.12 -14.75 -26.19
C LYS A 77 21.88 -15.32 -24.98
N GLN A 78 21.20 -16.21 -24.25
CA GLN A 78 21.72 -16.81 -23.04
C GLN A 78 23.13 -17.34 -23.22
N ILE A 79 23.38 -18.06 -24.32
CA ILE A 79 24.72 -18.61 -24.64
C ILE A 79 25.84 -17.59 -24.87
N ASP A 80 25.53 -16.49 -25.55
CA ASP A 80 26.47 -15.36 -25.65
C ASP A 80 26.96 -14.86 -24.25
N VAL A 81 26.03 -14.62 -23.33
CA VAL A 81 26.35 -14.25 -21.95
C VAL A 81 27.21 -15.35 -21.38
N TYR A 82 26.81 -16.60 -21.50
CA TYR A 82 27.68 -17.67 -20.98
C TYR A 82 29.16 -17.60 -21.46
N ARG A 83 29.35 -17.63 -22.78
CA ARG A 83 30.67 -17.65 -23.40
C ARG A 83 31.48 -16.41 -23.13
N SER A 84 30.87 -15.22 -23.18
CA SER A 84 31.65 -14.00 -22.90
C SER A 84 32.00 -13.81 -21.44
N VAL A 85 31.06 -14.10 -20.54
CA VAL A 85 31.21 -13.69 -19.13
C VAL A 85 31.53 -14.87 -18.22
N VAL A 86 30.78 -15.96 -18.35
CA VAL A 86 30.86 -16.97 -17.33
C VAL A 86 32.01 -17.93 -17.53
N CYS A 87 32.24 -18.36 -18.77
CA CYS A 87 33.37 -19.25 -19.08
CA CYS A 87 33.37 -19.24 -19.09
C CYS A 87 34.67 -18.72 -18.49
N PRO A 88 35.06 -17.49 -18.84
CA PRO A 88 36.35 -17.08 -18.30
C PRO A 88 36.35 -17.16 -16.78
N ILE A 89 35.20 -16.94 -16.16
CA ILE A 89 35.16 -16.87 -14.72
C ILE A 89 35.15 -18.27 -14.11
N LEU A 90 34.49 -19.22 -14.76
CA LEU A 90 34.51 -20.57 -14.24
C LEU A 90 35.93 -21.17 -14.31
N ASP A 91 36.69 -20.86 -15.34
CA ASP A 91 38.09 -21.29 -15.43
C ASP A 91 38.90 -20.76 -14.28
N GLU A 92 38.57 -19.56 -13.80
CA GLU A 92 39.32 -19.00 -12.69
C GLU A 92 38.95 -19.70 -11.39
N VAL A 93 37.72 -20.21 -11.37
CA VAL A 93 37.18 -20.85 -10.19
C VAL A 93 37.79 -22.25 -10.12
N ILE A 94 37.84 -22.89 -11.29
CA ILE A 94 38.49 -24.20 -11.44
C ILE A 94 39.98 -24.16 -11.07
N MET A 95 40.69 -23.07 -11.35
CA MET A 95 42.07 -22.98 -10.86
CA MET A 95 42.06 -22.87 -10.88
C MET A 95 42.15 -22.69 -9.36
N GLY A 96 41.05 -22.87 -8.63
CA GLY A 96 41.02 -22.60 -7.20
C GLY A 96 40.90 -21.17 -6.66
N TYR A 97 40.43 -20.20 -7.45
CA TYR A 97 40.07 -18.88 -6.89
C TYR A 97 38.62 -18.82 -6.39
N ASN A 98 38.23 -17.72 -5.76
CA ASN A 98 36.82 -17.45 -5.53
C ASN A 98 36.28 -16.33 -6.43
N CYS A 99 35.07 -16.54 -6.93
CA CYS A 99 34.49 -15.60 -7.83
C CYS A 99 33.07 -15.33 -7.45
N THR A 100 32.59 -14.15 -7.87
CA THR A 100 31.21 -13.75 -7.65
C THR A 100 30.65 -13.03 -8.88
N ILE A 101 29.42 -13.35 -9.23
CA ILE A 101 28.71 -12.61 -10.23
C ILE A 101 27.36 -12.17 -9.64
N PHE A 102 27.10 -10.86 -9.68
CA PHE A 102 25.75 -10.47 -9.32
C PHE A 102 25.02 -9.61 -10.32
N ALA A 103 23.70 -9.80 -10.31
CA ALA A 103 22.82 -9.15 -11.25
C ALA A 103 22.16 -8.00 -10.50
N TYR A 104 22.24 -6.81 -11.10
CA TYR A 104 21.70 -5.60 -10.50
C TYR A 104 20.84 -4.86 -11.52
N GLY A 105 19.70 -4.36 -11.07
CA GLY A 105 18.85 -3.56 -11.90
C GLY A 105 17.41 -3.65 -11.45
N GLN A 106 16.56 -3.02 -12.24
CA GLN A 106 15.18 -2.75 -11.89
C GLN A 106 14.35 -4.01 -12.12
N THR A 107 13.26 -4.13 -11.38
CA THR A 107 12.33 -5.22 -11.55
C THR A 107 11.88 -5.34 -12.97
N GLY A 108 11.80 -6.55 -13.48
CA GLY A 108 11.34 -6.73 -14.82
C GLY A 108 12.43 -6.58 -15.82
N THR A 109 13.71 -6.34 -15.43
CA THR A 109 14.73 -6.12 -16.45
C THR A 109 15.52 -7.36 -16.84
N GLY A 110 15.33 -8.46 -16.12
CA GLY A 110 15.95 -9.72 -16.49
C GLY A 110 17.06 -10.22 -15.59
N LYS A 111 17.09 -9.76 -14.34
CA LYS A 111 18.10 -10.30 -13.41
C LYS A 111 17.90 -11.80 -13.31
N THR A 112 16.70 -12.21 -12.97
CA THR A 112 16.38 -13.64 -12.89
C THR A 112 16.57 -14.39 -14.21
N PHE A 113 16.01 -13.88 -15.31
CA PHE A 113 16.28 -14.44 -16.63
C PHE A 113 17.78 -14.70 -16.88
N THR A 114 18.65 -13.76 -16.53
CA THR A 114 20.06 -13.93 -16.75
C THR A 114 20.67 -14.93 -15.77
N MET A 115 20.25 -14.89 -14.50
CA MET A 115 20.96 -15.66 -13.50
C MET A 115 20.54 -17.12 -13.49
N GLU A 116 19.24 -17.33 -13.63
CA GLU A 116 18.62 -18.65 -13.68
C GLU A 116 18.09 -19.04 -15.06
N GLY A 117 17.30 -18.18 -15.70
CA GLY A 117 16.75 -18.51 -17.01
C GLY A 117 15.38 -19.12 -16.88
N GLU A 118 14.91 -19.71 -17.97
CA GLU A 118 13.55 -20.25 -18.03
C GLU A 118 13.54 -21.60 -18.73
N ARG A 119 12.52 -22.39 -18.46
CA ARG A 119 12.29 -23.61 -19.21
C ARG A 119 11.37 -23.30 -20.39
N SER A 120 11.87 -23.56 -21.59
CA SER A 120 11.06 -23.43 -22.83
C SER A 120 9.81 -24.33 -22.76
N PRO A 121 8.63 -23.80 -23.12
CA PRO A 121 7.39 -24.58 -22.94
C PRO A 121 7.32 -25.84 -23.82
N ASN A 122 6.43 -26.75 -23.42
CA ASN A 122 6.18 -28.00 -24.14
C ASN A 122 7.35 -29.01 -24.09
N GLU A 123 8.27 -28.86 -23.12
CA GLU A 123 9.46 -29.72 -22.99
C GLU A 123 10.27 -29.91 -24.29
N GLU A 124 10.24 -28.88 -25.14
CA GLU A 124 10.81 -28.95 -26.49
C GLU A 124 12.28 -29.33 -26.49
N TYR A 125 12.97 -29.01 -25.39
CA TYR A 125 14.40 -29.31 -25.24
C TYR A 125 14.76 -29.95 -23.88
N THR A 126 15.82 -30.75 -23.90
CA THR A 126 16.48 -31.21 -22.68
C THR A 126 16.98 -30.01 -21.85
N TRP A 127 17.00 -30.12 -20.51
CA TRP A 127 17.39 -28.98 -19.65
C TRP A 127 18.75 -28.38 -19.98
N GLU A 128 19.69 -29.23 -20.36
CA GLU A 128 21.03 -28.74 -20.60
C GLU A 128 21.20 -28.29 -22.05
N GLU A 129 20.15 -28.33 -22.85
CA GLU A 129 20.26 -27.86 -24.22
C GLU A 129 19.24 -26.76 -24.50
N ASP A 130 18.49 -26.42 -23.45
CA ASP A 130 17.51 -25.32 -23.44
C ASP A 130 18.16 -23.95 -23.63
N PRO A 131 17.74 -23.24 -24.67
CA PRO A 131 18.44 -22.03 -25.03
C PRO A 131 18.00 -20.85 -24.18
N LEU A 132 16.92 -21.06 -23.42
CA LEU A 132 16.51 -20.16 -22.34
C LEU A 132 17.18 -20.38 -20.96
N ALA A 133 18.02 -21.40 -20.85
CA ALA A 133 18.62 -21.67 -19.57
C ALA A 133 19.61 -20.53 -19.26
N GLY A 134 19.65 -20.10 -18.00
CA GLY A 134 20.53 -19.00 -17.59
C GLY A 134 21.89 -19.40 -17.04
N ILE A 135 22.49 -18.54 -16.22
CA ILE A 135 23.87 -18.80 -15.85
C ILE A 135 24.07 -19.98 -14.89
N ILE A 136 23.12 -20.21 -14.00
CA ILE A 136 23.31 -21.20 -12.95
C ILE A 136 23.29 -22.61 -13.54
N PRO A 137 22.26 -22.93 -14.34
CA PRO A 137 22.25 -24.22 -14.99
C PRO A 137 23.39 -24.42 -16.01
N ARG A 138 23.75 -23.42 -16.79
CA ARG A 138 24.85 -23.64 -17.72
C ARG A 138 26.14 -23.94 -16.98
N THR A 139 26.36 -23.23 -15.88
CA THR A 139 27.57 -23.44 -15.12
C THR A 139 27.69 -24.83 -14.52
N LEU A 140 26.60 -25.38 -14.01
CA LEU A 140 26.61 -26.67 -13.36
C LEU A 140 26.89 -27.70 -14.44
N HIS A 141 26.33 -27.48 -15.61
CA HIS A 141 26.54 -28.43 -16.68
C HIS A 141 28.01 -28.48 -17.04
N GLN A 142 28.64 -27.31 -17.15
CA GLN A 142 30.04 -27.19 -17.54
C GLN A 142 31.04 -27.58 -16.45
N ILE A 143 30.66 -27.49 -15.19
CA ILE A 143 31.58 -27.98 -14.18
C ILE A 143 31.78 -29.48 -14.45
N PHE A 144 30.69 -30.17 -14.75
CA PHE A 144 30.80 -31.58 -15.06
C PHE A 144 31.48 -31.82 -16.41
N GLU A 145 30.87 -31.42 -17.53
CA GLU A 145 31.63 -31.52 -18.77
C GLU A 145 33.14 -31.27 -18.54
N LYS A 146 33.54 -30.11 -18.02
CA LYS A 146 34.96 -29.75 -17.94
C LYS A 146 35.81 -30.66 -17.05
N LEU A 147 35.23 -31.31 -16.08
CA LEU A 147 36.09 -31.97 -15.10
C LEU A 147 36.16 -33.51 -15.19
N THR A 148 35.07 -34.14 -15.61
CA THR A 148 35.11 -35.56 -15.97
C THR A 148 36.23 -35.83 -17.00
N ASP A 149 36.26 -35.06 -18.10
CA ASP A 149 37.35 -35.13 -19.08
C ASP A 149 38.78 -34.94 -18.52
N ASN A 150 39.13 -33.74 -18.07
CA ASN A 150 40.42 -33.44 -17.42
C ASN A 150 40.96 -34.46 -16.40
N GLY A 151 40.10 -35.38 -15.95
CA GLY A 151 40.55 -36.51 -15.13
C GLY A 151 40.87 -36.42 -13.65
N THR A 152 40.98 -35.20 -13.11
CA THR A 152 41.17 -34.98 -11.65
C THR A 152 40.03 -35.60 -10.83
N GLU A 153 40.27 -35.84 -9.54
CA GLU A 153 39.20 -36.25 -8.62
C GLU A 153 38.57 -34.96 -8.07
N PHE A 154 37.24 -34.92 -8.00
CA PHE A 154 36.54 -33.71 -7.58
C PHE A 154 35.14 -33.98 -7.01
N SER A 155 34.70 -33.09 -6.11
CA SER A 155 33.27 -33.01 -5.73
C SER A 155 32.68 -31.60 -5.88
N VAL A 156 31.34 -31.55 -5.90
CA VAL A 156 30.60 -30.31 -6.12
C VAL A 156 29.48 -30.28 -5.12
N LYS A 157 29.52 -29.25 -4.26
CA LYS A 157 28.49 -28.95 -3.28
C LYS A 157 27.68 -27.73 -3.78
N VAL A 158 26.37 -27.75 -3.60
CA VAL A 158 25.59 -26.52 -3.85
C VAL A 158 24.67 -26.11 -2.72
N SER A 159 24.48 -24.80 -2.59
CA SER A 159 23.48 -24.22 -1.70
C SER A 159 22.73 -23.00 -2.24
N LEU A 160 21.58 -22.73 -1.64
CA LEU A 160 20.76 -21.69 -2.18
C LEU A 160 19.92 -21.10 -1.08
N LEU A 161 20.22 -19.84 -0.78
CA LEU A 161 19.51 -19.12 0.25
C LEU A 161 18.95 -17.78 -0.29
N GLU A 162 17.83 -17.35 0.30
CA GLU A 162 17.23 -16.09 -0.07
C GLU A 162 17.19 -15.19 1.15
N ILE A 163 17.39 -13.89 0.89
CA ILE A 163 17.34 -12.91 1.95
C ILE A 163 16.06 -12.11 1.72
N TYR A 164 15.20 -12.09 2.74
CA TYR A 164 13.96 -11.31 2.64
C TYR A 164 13.67 -10.67 4.00
N ASN A 165 13.54 -9.34 4.01
CA ASN A 165 13.31 -8.57 5.22
C ASN A 165 14.35 -8.90 6.29
N GLU A 166 15.61 -8.98 5.88
CA GLU A 166 16.74 -9.30 6.74
C GLU A 166 16.67 -10.68 7.43
N GLU A 167 15.91 -11.60 6.85
CA GLU A 167 15.83 -12.98 7.31
C GLU A 167 16.30 -13.95 6.24
N LEU A 168 16.94 -15.04 6.67
CA LEU A 168 17.58 -15.99 5.76
C LEU A 168 16.76 -17.24 5.62
N PHE A 169 16.51 -17.64 4.38
CA PHE A 169 15.75 -18.83 4.06
C PHE A 169 16.50 -19.83 3.15
N ASP A 170 16.24 -21.13 3.33
CA ASP A 170 17.05 -22.15 2.66
C ASP A 170 16.24 -22.85 1.60
N LEU A 171 16.42 -22.49 0.35
CA LEU A 171 15.65 -23.11 -0.70
C LEU A 171 15.89 -24.61 -0.90
N LEU A 172 17.06 -25.12 -0.55
CA LEU A 172 17.38 -26.54 -0.81
C LEU A 172 17.20 -27.44 0.43
N ASN A 173 16.88 -26.84 1.57
CA ASN A 173 16.67 -27.65 2.73
C ASN A 173 15.69 -28.80 2.51
N PRO A 174 15.95 -29.95 3.16
CA PRO A 174 15.02 -31.07 3.19
C PRO A 174 13.72 -30.77 3.97
N SER A 175 13.77 -29.87 4.95
CA SER A 175 12.56 -29.43 5.63
C SER A 175 11.45 -29.02 4.64
N SER A 176 10.20 -29.37 4.94
CA SER A 176 9.12 -29.08 4.01
C SER A 176 8.57 -27.66 4.13
N ASP A 177 8.90 -26.97 5.23
CA ASP A 177 8.42 -25.60 5.44
C ASP A 177 9.50 -24.57 5.11
N VAL A 178 9.26 -23.81 4.04
CA VAL A 178 10.25 -22.86 3.54
C VAL A 178 10.60 -21.79 4.55
N SER A 179 9.68 -21.47 5.46
CA SER A 179 9.87 -20.38 6.39
C SER A 179 10.83 -20.66 7.55
N GLU A 180 11.36 -21.86 7.70
CA GLU A 180 12.28 -22.07 8.81
C GLU A 180 13.55 -21.25 8.55
N ARG A 181 13.98 -20.47 9.54
CA ARG A 181 15.01 -19.45 9.38
C ARG A 181 16.42 -19.92 9.68
N LEU A 182 17.36 -19.43 8.87
CA LEU A 182 18.79 -19.65 9.04
C LEU A 182 19.28 -18.61 10.01
N GLN A 183 20.52 -18.77 10.47
CA GLN A 183 21.20 -17.76 11.28
C GLN A 183 22.59 -17.53 10.73
N MET A 184 23.17 -16.39 11.09
CA MET A 184 24.38 -15.97 10.44
C MET A 184 25.36 -15.60 11.52
N PHE A 185 26.62 -16.01 11.37
CA PHE A 185 27.65 -15.71 12.36
C PHE A 185 28.93 -15.33 11.62
N ASP A 186 29.82 -14.60 12.29
CA ASP A 186 31.16 -14.39 11.79
C ASP A 186 31.93 -15.71 11.72
N ASP A 187 32.68 -15.96 10.65
CA ASP A 187 33.56 -17.11 10.60
C ASP A 187 34.81 -16.86 11.44
N PRO A 188 35.06 -17.69 12.45
CA PRO A 188 36.32 -17.54 13.19
C PRO A 188 37.54 -17.94 12.34
N ARG A 189 37.31 -18.65 11.25
CA ARG A 189 38.36 -19.14 10.35
C ARG A 189 38.77 -18.15 9.23
N ASN A 190 37.83 -17.31 8.78
CA ASN A 190 38.02 -16.43 7.65
C ASN A 190 37.53 -15.03 8.00
N LYS A 191 38.48 -14.09 8.09
CA LYS A 191 38.24 -12.75 8.64
C LYS A 191 37.20 -11.92 7.87
N ARG A 192 36.92 -12.30 6.63
CA ARG A 192 35.85 -11.65 5.88
C ARG A 192 34.59 -12.48 5.71
N GLY A 193 34.57 -13.74 6.13
CA GLY A 193 33.52 -14.66 5.73
C GLY A 193 32.52 -14.84 6.85
N VAL A 194 31.41 -15.52 6.54
CA VAL A 194 30.39 -15.81 7.52
C VAL A 194 30.08 -17.30 7.56
N ILE A 195 29.41 -17.78 8.62
CA ILE A 195 28.84 -19.14 8.64
C ILE A 195 27.31 -18.98 8.57
N ILE A 196 26.67 -19.66 7.62
CA ILE A 196 25.20 -19.66 7.59
C ILE A 196 24.73 -20.95 8.26
N LYS A 197 24.38 -20.83 9.54
CA LYS A 197 24.03 -21.99 10.35
C LYS A 197 22.71 -22.59 9.92
N GLY A 198 22.76 -23.86 9.53
CA GLY A 198 21.59 -24.63 9.10
C GLY A 198 21.48 -24.76 7.60
N LEU A 199 22.41 -24.16 6.86
CA LEU A 199 22.35 -24.19 5.41
C LEU A 199 22.70 -25.56 4.87
N GLU A 200 21.71 -26.19 4.25
CA GLU A 200 21.91 -27.41 3.49
C GLU A 200 22.85 -27.16 2.32
N GLU A 201 23.97 -27.87 2.35
CA GLU A 201 24.84 -27.97 1.18
C GLU A 201 24.66 -29.32 0.54
N ILE A 202 24.09 -29.35 -0.66
CA ILE A 202 23.86 -30.59 -1.35
C ILE A 202 25.00 -31.03 -2.23
N THR A 203 25.40 -32.29 -2.05
CA THR A 203 26.46 -32.84 -2.87
C THR A 203 25.83 -33.25 -4.18
N VAL A 204 26.37 -32.76 -5.29
CA VAL A 204 25.85 -33.14 -6.61
C VAL A 204 26.81 -34.20 -7.17
N HIS A 205 26.32 -35.44 -7.29
CA HIS A 205 27.26 -36.51 -7.59
C HIS A 205 27.56 -36.51 -9.08
N ASN A 206 26.63 -35.96 -9.87
CA ASN A 206 26.83 -35.79 -11.30
C ASN A 206 25.74 -34.94 -11.96
N LYS A 207 25.99 -34.56 -13.22
CA LYS A 207 25.01 -33.99 -14.15
C LYS A 207 23.55 -34.42 -14.09
N ASP A 208 23.29 -35.67 -13.76
CA ASP A 208 21.91 -36.14 -13.91
C ASP A 208 21.21 -35.97 -12.57
N GLU A 209 21.95 -35.45 -11.58
CA GLU A 209 21.36 -35.04 -10.32
C GLU A 209 20.95 -33.57 -10.30
N VAL A 210 21.36 -32.80 -11.30
CA VAL A 210 21.32 -31.34 -11.23
C VAL A 210 19.90 -30.78 -11.25
N TYR A 211 19.13 -31.23 -12.22
CA TYR A 211 17.81 -30.71 -12.45
C TYR A 211 16.87 -30.79 -11.25
N GLN A 212 16.79 -31.96 -10.67
CA GLN A 212 15.84 -32.23 -9.62
C GLN A 212 16.10 -31.27 -8.50
N ILE A 213 17.38 -31.03 -8.23
CA ILE A 213 17.74 -30.09 -7.18
C ILE A 213 17.21 -28.70 -7.48
N LEU A 214 17.60 -28.16 -8.63
CA LEU A 214 17.08 -26.90 -9.07
C LEU A 214 15.53 -26.88 -9.08
N GLU A 215 14.90 -27.99 -9.43
CA GLU A 215 13.45 -27.97 -9.51
C GLU A 215 12.83 -27.92 -8.12
N LYS A 216 13.46 -28.58 -7.16
CA LYS A 216 12.98 -28.48 -5.79
C LYS A 216 13.23 -27.08 -5.27
N GLY A 217 14.26 -26.46 -5.83
CA GLY A 217 14.61 -25.11 -5.42
C GLY A 217 13.49 -24.18 -5.82
N ALA A 218 13.18 -24.22 -7.11
CA ALA A 218 12.08 -23.47 -7.70
C ALA A 218 10.75 -23.61 -6.97
N ALA A 219 10.42 -24.82 -6.54
CA ALA A 219 9.11 -25.06 -5.95
C ALA A 219 9.08 -24.49 -4.53
N LYS A 220 10.23 -24.54 -3.86
CA LYS A 220 10.29 -23.97 -2.54
C LYS A 220 10.12 -22.43 -2.60
N ARG A 221 10.85 -21.79 -3.50
CA ARG A 221 10.67 -20.37 -3.80
C ARG A 221 9.23 -20.02 -4.15
N THR A 222 8.62 -20.77 -5.06
CA THR A 222 7.21 -20.56 -5.37
C THR A 222 6.31 -20.49 -4.11
N THR A 223 6.54 -21.38 -3.15
CA THR A 223 5.89 -21.32 -1.85
C THR A 223 6.29 -20.09 -1.07
N ALA A 224 7.57 -19.73 -1.01
CA ALA A 224 7.98 -18.47 -0.35
C ALA A 224 7.14 -17.24 -0.80
N ALA A 225 7.04 -17.04 -2.11
CA ALA A 225 6.22 -15.97 -2.71
C ALA A 225 4.74 -15.93 -2.29
N THR A 226 4.12 -17.08 -2.09
CA THR A 226 2.73 -17.07 -1.66
C THR A 226 2.59 -16.69 -0.18
N LEU A 227 3.68 -16.80 0.57
CA LEU A 227 3.70 -16.55 2.00
C LEU A 227 4.13 -15.14 2.34
N MET A 228 4.88 -14.50 1.46
CA MET A 228 5.48 -13.27 1.88
C MET A 228 5.30 -12.19 0.83
N ASN A 229 5.02 -10.99 1.31
CA ASN A 229 4.61 -9.96 0.40
C ASN A 229 5.71 -9.38 -0.51
N ALA A 230 5.38 -9.30 -1.80
CA ALA A 230 6.31 -8.88 -2.86
C ALA A 230 7.63 -9.63 -2.74
N TYR A 231 7.51 -10.95 -2.55
CA TYR A 231 8.65 -11.76 -2.23
C TYR A 231 9.65 -11.70 -3.39
N SER A 232 9.12 -11.83 -4.60
CA SER A 232 9.92 -11.88 -5.83
CA SER A 232 9.93 -11.88 -5.83
C SER A 232 10.88 -10.69 -6.04
N SER A 233 10.37 -9.49 -5.86
CA SER A 233 11.15 -8.31 -6.17
C SER A 233 11.83 -7.74 -4.93
N ARG A 234 11.41 -8.17 -3.75
CA ARG A 234 11.99 -7.67 -2.49
C ARG A 234 13.14 -8.53 -1.94
N SER A 235 13.35 -9.71 -2.48
CA SER A 235 14.35 -10.65 -2.00
C SER A 235 15.62 -10.79 -2.87
N HIS A 236 16.71 -11.14 -2.18
CA HIS A 236 17.99 -11.42 -2.77
C HIS A 236 18.21 -12.90 -2.73
N SER A 237 18.86 -13.41 -3.75
CA SER A 237 19.01 -14.83 -4.01
C SER A 237 20.49 -15.17 -4.15
N VAL A 238 20.99 -16.00 -3.24
CA VAL A 238 22.39 -16.36 -3.22
C VAL A 238 22.57 -17.85 -3.40
N PHE A 239 23.05 -18.19 -4.58
CA PHE A 239 23.32 -19.53 -5.01
C PHE A 239 24.82 -19.74 -4.93
N SER A 240 25.25 -20.77 -4.23
CA SER A 240 26.68 -21.08 -4.16
C SER A 240 27.04 -22.49 -4.62
N VAL A 241 28.19 -22.56 -5.28
CA VAL A 241 28.74 -23.82 -5.77
C VAL A 241 30.19 -23.91 -5.35
N THR A 242 30.50 -24.89 -4.50
CA THR A 242 31.90 -25.20 -4.10
C THR A 242 32.47 -26.41 -4.83
N ILE A 243 33.64 -26.23 -5.45
CA ILE A 243 34.31 -27.31 -6.17
C ILE A 243 35.57 -27.70 -5.40
N HIS A 244 35.61 -28.95 -4.91
CA HIS A 244 36.85 -29.53 -4.34
C HIS A 244 37.63 -30.33 -5.39
N MET A 245 38.87 -29.96 -5.62
CA MET A 245 39.66 -30.63 -6.66
C MET A 245 40.90 -31.28 -6.10
N LYS A 246 41.10 -32.55 -6.47
CA LYS A 246 42.26 -33.34 -6.09
C LYS A 246 43.11 -33.62 -7.34
N GLU A 247 44.44 -33.60 -7.18
CA GLU A 247 45.42 -33.89 -8.27
C GLU A 247 46.82 -34.30 -7.78
N GLU A 253 53.42 -34.71 -3.06
CA GLU A 253 52.45 -35.61 -3.68
C GLU A 253 51.05 -34.97 -3.91
N GLU A 254 50.17 -35.11 -2.90
CA GLU A 254 48.74 -34.76 -2.96
C GLU A 254 48.42 -33.25 -2.99
N LEU A 255 47.79 -32.80 -4.07
CA LEU A 255 47.48 -31.38 -4.29
C LEU A 255 45.98 -31.09 -4.51
N VAL A 256 45.41 -30.33 -3.57
CA VAL A 256 43.98 -30.01 -3.56
C VAL A 256 43.74 -28.52 -3.83
N LYS A 257 42.90 -28.19 -4.79
CA LYS A 257 42.47 -26.79 -4.86
C LYS A 257 40.98 -26.69 -4.51
N ILE A 258 40.60 -25.58 -3.88
CA ILE A 258 39.20 -25.29 -3.57
C ILE A 258 38.77 -24.01 -4.28
N GLY A 259 37.89 -24.17 -5.26
CA GLY A 259 37.21 -23.06 -5.94
C GLY A 259 35.79 -22.84 -5.50
N LYS A 260 35.39 -21.57 -5.34
CA LYS A 260 34.02 -21.21 -4.96
C LYS A 260 33.40 -20.16 -5.90
N LEU A 261 32.17 -20.35 -6.33
CA LEU A 261 31.48 -19.35 -7.16
C LEU A 261 30.09 -18.97 -6.64
N ASN A 262 29.89 -17.68 -6.36
CA ASN A 262 28.59 -17.18 -5.95
C ASN A 262 27.80 -16.55 -7.08
N LEU A 263 26.55 -16.96 -7.21
CA LEU A 263 25.69 -16.42 -8.22
C LEU A 263 24.57 -15.72 -7.51
N VAL A 264 24.62 -14.39 -7.45
CA VAL A 264 23.65 -13.59 -6.71
C VAL A 264 22.68 -12.79 -7.55
N ASP A 265 21.42 -12.82 -7.12
CA ASP A 265 20.33 -12.20 -7.83
C ASP A 265 19.61 -11.24 -6.89
N LEU A 266 19.96 -9.95 -7.01
CA LEU A 266 19.55 -8.93 -6.03
C LEU A 266 18.08 -8.57 -6.05
N ALA A 267 17.58 -8.02 -4.94
CA ALA A 267 16.27 -7.31 -5.00
C ALA A 267 16.27 -6.30 -6.15
N GLY A 268 15.09 -5.92 -6.59
CA GLY A 268 14.91 -4.94 -7.64
C GLY A 268 15.44 -3.61 -7.15
N SER A 269 16.34 -3.00 -7.92
CA SER A 269 16.99 -1.77 -7.51
C SER A 269 16.08 -0.55 -7.29
N GLU A 270 14.85 -0.57 -7.81
CA GLU A 270 14.02 0.62 -7.66
C GLU A 270 13.62 0.87 -6.19
N ASN A 271 13.70 -0.19 -5.36
CA ASN A 271 13.33 -0.12 -3.95
C ASN A 271 14.04 1.02 -3.23
N ASN A 287 15.00 -4.08 8.47
CA ASN A 287 13.72 -4.02 7.78
C ASN A 287 13.80 -4.35 6.27
N ILE A 288 12.91 -3.77 5.47
CA ILE A 288 12.63 -4.30 4.11
C ILE A 288 13.61 -3.97 2.95
N ASN A 289 14.25 -2.79 2.97
CA ASN A 289 15.27 -2.42 1.97
C ASN A 289 16.71 -2.37 2.50
N GLN A 290 16.92 -2.89 3.71
CA GLN A 290 18.17 -2.71 4.41
C GLN A 290 19.36 -3.30 3.65
N SER A 291 19.19 -4.42 2.95
CA SER A 291 20.35 -4.97 2.27
C SER A 291 20.72 -4.20 1.00
N LEU A 292 19.72 -3.74 0.27
CA LEU A 292 19.93 -2.88 -0.89
C LEU A 292 20.55 -1.56 -0.50
N LEU A 293 20.00 -0.94 0.53
CA LEU A 293 20.49 0.32 1.09
C LEU A 293 21.95 0.23 1.52
N THR A 294 22.26 -0.82 2.26
CA THR A 294 23.62 -1.02 2.75
C THR A 294 24.58 -1.36 1.60
N LEU A 295 24.13 -2.15 0.63
CA LEU A 295 24.91 -2.37 -0.58
C LEU A 295 25.36 -1.05 -1.18
N GLY A 296 24.43 -0.12 -1.42
CA GLY A 296 24.72 1.21 -1.95
C GLY A 296 25.76 1.91 -1.11
N ARG A 297 25.53 1.99 0.20
CA ARG A 297 26.47 2.63 1.11
CA ARG A 297 26.46 2.60 1.16
C ARG A 297 27.83 1.93 1.13
N VAL A 298 27.84 0.62 1.15
CA VAL A 298 29.09 -0.09 1.09
C VAL A 298 29.83 0.26 -0.19
N ILE A 299 29.11 0.29 -1.32
CA ILE A 299 29.74 0.68 -2.57
C ILE A 299 30.32 2.10 -2.57
N THR A 300 29.54 3.08 -2.12
CA THR A 300 30.07 4.44 -2.03
C THR A 300 31.32 4.53 -1.16
N ALA A 301 31.28 3.96 0.04
CA ALA A 301 32.44 3.96 0.89
C ALA A 301 33.63 3.36 0.19
N LEU A 302 33.40 2.43 -0.73
CA LEU A 302 34.55 1.78 -1.34
C LEU A 302 35.11 2.67 -2.41
N VAL A 303 34.23 3.40 -3.10
CA VAL A 303 34.71 4.18 -4.22
C VAL A 303 35.30 5.51 -3.78
N GLU A 304 34.72 6.12 -2.75
CA GLU A 304 35.22 7.37 -2.16
CA GLU A 304 35.23 7.37 -2.19
C GLU A 304 36.40 7.09 -1.23
N ARG A 305 36.60 5.83 -0.88
CA ARG A 305 37.69 5.35 -0.02
C ARG A 305 37.57 5.85 1.43
N THR A 306 36.34 5.97 1.92
CA THR A 306 36.03 6.25 3.33
C THR A 306 36.66 5.15 4.19
N PRO A 307 37.32 5.51 5.31
CA PRO A 307 38.05 4.52 6.14
C PRO A 307 37.20 3.33 6.58
N HIS A 308 35.98 3.57 7.04
CA HIS A 308 35.09 2.50 7.51
C HIS A 308 33.91 2.22 6.57
N VAL A 309 33.72 0.93 6.26
CA VAL A 309 32.77 0.50 5.24
C VAL A 309 31.80 -0.41 5.95
N PRO A 310 30.51 -0.07 5.92
CA PRO A 310 29.51 -0.69 6.78
C PRO A 310 29.03 -2.08 6.33
N TYR A 311 29.95 -3.01 6.10
CA TYR A 311 29.51 -4.37 5.72
C TYR A 311 28.57 -4.97 6.74
N ARG A 312 28.83 -4.74 8.03
CA ARG A 312 28.09 -5.41 9.10
C ARG A 312 26.62 -5.00 9.23
N GLU A 313 26.21 -3.91 8.58
CA GLU A 313 24.85 -3.40 8.79
C GLU A 313 23.71 -4.09 8.01
N SER A 314 24.04 -5.08 7.17
CA SER A 314 23.02 -5.86 6.47
C SER A 314 23.47 -7.29 6.23
N LYS A 315 22.51 -8.20 6.11
CA LYS A 315 22.88 -9.60 5.89
C LYS A 315 23.53 -9.78 4.52
N LEU A 316 23.03 -9.09 3.50
CA LEU A 316 23.63 -9.21 2.16
C LEU A 316 25.07 -8.73 2.14
N THR A 317 25.36 -7.62 2.79
CA THR A 317 26.73 -7.15 2.70
C THR A 317 27.67 -7.95 3.55
N ARG A 318 27.20 -8.53 4.64
CA ARG A 318 28.04 -9.48 5.38
C ARG A 318 28.41 -10.68 4.52
N ILE A 319 27.45 -11.29 3.83
CA ILE A 319 27.73 -12.38 2.92
C ILE A 319 28.68 -11.99 1.80
N LEU A 320 28.55 -10.77 1.26
CA LEU A 320 29.32 -10.34 0.07
C LEU A 320 30.64 -9.62 0.39
N GLN A 321 30.90 -9.48 1.68
CA GLN A 321 32.02 -8.71 2.15
C GLN A 321 33.27 -9.10 1.41
N ASP A 322 33.50 -10.37 1.11
CA ASP A 322 34.75 -10.72 0.41
C ASP A 322 34.71 -10.44 -1.11
N SER A 323 33.50 -10.35 -1.66
CA SER A 323 33.36 -9.92 -3.05
C SER A 323 33.49 -8.40 -3.24
N LEU A 324 33.38 -7.64 -2.16
CA LEU A 324 33.40 -6.18 -2.27
C LEU A 324 34.57 -5.58 -1.53
N GLY A 325 35.73 -5.53 -2.17
CA GLY A 325 36.97 -5.11 -1.54
C GLY A 325 37.78 -6.19 -0.83
N GLY A 326 37.46 -7.47 -1.00
CA GLY A 326 38.24 -8.53 -0.37
C GLY A 326 38.98 -9.27 -1.45
N ARG A 327 39.09 -10.59 -1.36
CA ARG A 327 39.93 -11.28 -2.32
C ARG A 327 39.19 -12.21 -3.25
N THR A 328 37.87 -12.09 -3.35
CA THR A 328 37.08 -12.76 -4.37
C THR A 328 37.14 -11.92 -5.67
N ARG A 329 37.18 -12.53 -6.86
CA ARG A 329 37.09 -11.71 -8.08
C ARG A 329 35.62 -11.49 -8.46
N THR A 330 35.22 -10.26 -8.74
CA THR A 330 33.81 -10.00 -8.91
C THR A 330 33.38 -9.33 -10.20
N SER A 331 32.24 -9.80 -10.69
CA SER A 331 31.66 -9.25 -11.88
C SER A 331 30.22 -8.91 -11.58
N ILE A 332 29.75 -7.83 -12.21
CA ILE A 332 28.39 -7.39 -12.05
C ILE A 332 27.74 -7.30 -13.43
N ILE A 333 26.55 -7.87 -13.53
CA ILE A 333 25.75 -7.73 -14.69
C ILE A 333 24.65 -6.79 -14.30
N ALA A 334 24.68 -5.62 -14.94
CA ALA A 334 23.67 -4.60 -14.75
C ALA A 334 22.65 -4.71 -15.88
N THR A 335 21.41 -4.99 -15.51
CA THR A 335 20.37 -5.25 -16.48
C THR A 335 19.48 -4.02 -16.62
N ILE A 336 18.97 -3.77 -17.79
CA ILE A 336 18.21 -2.54 -18.05
C ILE A 336 17.14 -2.83 -19.08
N SER A 337 16.09 -2.02 -19.07
CA SER A 337 15.04 -2.13 -20.10
C SER A 337 15.17 -1.00 -21.11
N PRO A 338 14.77 -1.25 -22.35
CA PRO A 338 15.04 -0.22 -23.34
C PRO A 338 13.95 0.85 -23.38
N ALA A 339 12.88 0.69 -22.62
CA ALA A 339 11.70 1.53 -22.78
C ALA A 339 11.80 2.90 -22.16
N SER A 340 11.12 3.86 -22.80
CA SER A 340 11.21 5.26 -22.43
C SER A 340 10.63 5.49 -21.02
N LEU A 341 9.62 4.69 -20.70
CA LEU A 341 8.98 4.74 -19.39
C LEU A 341 10.05 4.58 -18.28
N ASN A 342 11.11 3.84 -18.57
CA ASN A 342 11.96 3.39 -17.49
C ASN A 342 13.19 4.27 -17.38
N LEU A 343 13.11 5.41 -18.05
CA LEU A 343 14.25 6.33 -18.12
C LEU A 343 14.96 6.53 -16.79
N GLU A 344 14.25 6.97 -15.74
CA GLU A 344 14.96 7.37 -14.50
C GLU A 344 15.68 6.19 -13.85
N GLU A 345 15.06 5.01 -13.89
CA GLU A 345 15.64 3.81 -13.31
C GLU A 345 16.81 3.30 -14.11
N THR A 346 16.64 3.30 -15.43
CA THR A 346 17.75 3.04 -16.35
C THR A 346 19.00 3.90 -16.11
N LEU A 347 18.78 5.20 -15.98
CA LEU A 347 19.90 6.11 -15.66
C LEU A 347 20.46 5.72 -14.32
N SER A 348 19.57 5.42 -13.39
CA SER A 348 20.06 5.14 -12.06
C SER A 348 20.95 3.89 -12.01
N THR A 349 20.54 2.88 -12.79
CA THR A 349 21.23 1.62 -12.74
C THR A 349 22.53 1.80 -13.46
N LEU A 350 22.55 2.63 -14.52
CA LEU A 350 23.80 2.81 -15.24
C LEU A 350 24.82 3.56 -14.40
N GLU A 351 24.43 4.64 -13.73
CA GLU A 351 25.35 5.43 -12.91
C GLU A 351 25.95 4.56 -11.81
N TYR A 352 25.07 3.76 -11.25
CA TYR A 352 25.41 2.97 -10.10
C TYR A 352 26.41 1.92 -10.55
N ALA A 353 26.09 1.24 -11.64
CA ALA A 353 26.99 0.24 -12.21
C ALA A 353 28.32 0.90 -12.60
N HIS A 354 28.25 2.06 -13.22
CA HIS A 354 29.47 2.64 -13.74
C HIS A 354 30.43 2.99 -12.62
N ARG A 355 29.93 3.60 -11.56
CA ARG A 355 30.84 3.88 -10.49
C ARG A 355 31.43 2.61 -9.85
N ALA A 356 30.72 1.50 -9.79
CA ALA A 356 31.30 0.26 -9.24
C ALA A 356 32.53 -0.34 -9.95
N LYS A 357 32.78 0.07 -11.19
CA LYS A 357 34.03 -0.24 -11.87
C LYS A 357 35.23 0.16 -11.03
N ASN A 358 35.14 1.29 -10.30
CA ASN A 358 36.23 1.79 -9.45
C ASN A 358 36.64 0.99 -8.22
N ILE A 359 35.85 0.02 -7.83
CA ILE A 359 36.21 -0.84 -6.70
C ILE A 359 37.32 -1.81 -7.10
N LEU A 360 38.38 -1.79 -6.30
CA LEU A 360 39.51 -2.72 -6.41
C LEU A 360 39.39 -3.94 -5.48
N ASN A 361 39.45 -5.15 -6.04
CA ASN A 361 39.59 -6.38 -5.24
C ASN A 361 41.05 -6.83 -5.31
N LYS A 362 41.34 -8.08 -4.93
CA LYS A 362 42.68 -8.69 -5.07
C LYS A 362 42.72 -10.23 -4.89
N PRO A 363 42.25 -11.01 -5.90
CA PRO A 363 42.19 -12.49 -5.82
C PRO A 363 43.42 -13.31 -5.34
N GLU A 364 43.14 -14.45 -4.69
CA GLU A 364 44.02 -15.16 -3.70
C GLU A 364 45.26 -14.38 -3.25
N LYS B 17 -10.75 41.68 -9.60
CA LYS B 17 -11.67 40.52 -9.31
C LYS B 17 -11.26 39.73 -8.03
N ASN B 18 -12.10 38.77 -7.64
CA ASN B 18 -11.72 37.66 -6.72
C ASN B 18 -11.91 36.35 -7.48
N ILE B 19 -11.13 35.33 -7.15
CA ILE B 19 -11.42 34.02 -7.69
C ILE B 19 -12.88 33.72 -7.37
N GLN B 20 -13.62 33.35 -8.41
CA GLN B 20 -14.95 32.82 -8.27
C GLN B 20 -14.91 31.34 -7.85
N VAL B 21 -15.70 30.97 -6.85
CA VAL B 21 -15.75 29.59 -6.41
C VAL B 21 -17.17 29.04 -6.37
N VAL B 22 -17.38 27.91 -7.02
CA VAL B 22 -18.71 27.31 -7.11
C VAL B 22 -18.58 25.89 -6.60
N VAL B 23 -19.70 25.30 -6.19
CA VAL B 23 -19.68 23.97 -5.63
C VAL B 23 -20.60 23.06 -6.44
N ARG B 24 -20.15 21.84 -6.71
CA ARG B 24 -21.01 20.86 -7.34
C ARG B 24 -21.08 19.58 -6.55
N CYS B 25 -22.30 19.23 -6.19
CA CYS B 25 -22.51 18.02 -5.46
C CYS B 25 -23.03 17.01 -6.48
N ARG B 26 -22.43 15.81 -6.51
CA ARG B 26 -22.91 14.77 -7.40
C ARG B 26 -24.02 13.99 -6.71
N PRO B 27 -24.72 13.15 -7.49
CA PRO B 27 -25.71 12.30 -6.81
C PRO B 27 -25.01 11.12 -6.20
N PHE B 28 -25.79 10.29 -5.49
CA PHE B 28 -25.31 9.03 -4.94
C PHE B 28 -24.89 8.12 -6.09
N ASN B 29 -23.81 7.36 -5.89
CA ASN B 29 -23.41 6.30 -6.84
C ASN B 29 -23.87 4.91 -6.39
N LEU B 30 -23.59 3.87 -7.19
CA LEU B 30 -24.20 2.56 -6.97
C LEU B 30 -23.82 1.99 -5.62
N ALA B 31 -22.54 2.06 -5.27
CA ALA B 31 -22.04 1.64 -3.94
C ALA B 31 -22.66 2.37 -2.71
N GLU B 32 -23.05 3.63 -2.87
CA GLU B 32 -23.56 4.40 -1.77
C GLU B 32 -24.97 3.91 -1.48
N ARG B 33 -25.74 3.65 -2.53
CA ARG B 33 -27.12 3.18 -2.41
CA ARG B 33 -27.13 3.19 -2.39
C ARG B 33 -27.14 1.74 -1.90
N LYS B 34 -26.15 0.96 -2.34
CA LYS B 34 -26.05 -0.41 -1.87
C LYS B 34 -25.80 -0.35 -0.36
N ALA B 35 -24.98 0.60 0.07
CA ALA B 35 -24.60 0.73 1.47
C ALA B 35 -25.65 1.43 2.35
N SER B 36 -26.75 1.87 1.73
CA SER B 36 -27.79 2.70 2.35
C SER B 36 -27.30 4.07 2.88
N ALA B 37 -26.48 4.77 2.12
CA ALA B 37 -25.91 6.01 2.61
C ALA B 37 -26.98 7.07 2.84
N HIS B 38 -26.87 7.82 3.94
CA HIS B 38 -27.65 9.04 4.15
C HIS B 38 -26.89 10.22 3.59
N SER B 39 -27.64 11.25 3.18
CA SER B 39 -27.13 12.52 2.69
C SER B 39 -26.76 13.35 3.91
N ILE B 40 -25.69 14.11 3.79
CA ILE B 40 -25.38 15.09 4.79
C ILE B 40 -25.20 16.43 4.15
N VAL B 41 -25.66 16.56 2.91
CA VAL B 41 -25.37 17.78 2.15
C VAL B 41 -26.65 18.35 1.62
N GLU B 42 -26.88 19.63 1.88
CA GLU B 42 -28.07 20.32 1.40
C GLU B 42 -27.53 21.55 0.70
N CYS B 43 -27.84 21.65 -0.58
CA CYS B 43 -27.53 22.78 -1.42
C CYS B 43 -28.75 23.68 -1.59
N ASP B 44 -28.52 24.98 -1.52
CA ASP B 44 -29.58 25.95 -1.67
C ASP B 44 -29.10 26.92 -2.72
N PRO B 45 -29.38 26.62 -3.99
CA PRO B 45 -29.00 27.48 -5.14
C PRO B 45 -29.41 28.93 -4.99
N VAL B 46 -30.59 29.19 -4.41
CA VAL B 46 -31.08 30.57 -4.28
C VAL B 46 -30.23 31.38 -3.30
N ARG B 47 -30.06 30.89 -2.08
CA ARG B 47 -29.11 31.48 -1.10
C ARG B 47 -27.63 31.23 -1.37
N LYS B 48 -27.32 30.42 -2.39
CA LYS B 48 -25.95 30.05 -2.76
CA LYS B 48 -25.94 30.08 -2.74
C LYS B 48 -25.20 29.44 -1.57
N GLU B 49 -25.88 28.55 -0.86
CA GLU B 49 -25.32 27.97 0.35
C GLU B 49 -25.15 26.47 0.22
N VAL B 50 -24.16 25.96 0.94
CA VAL B 50 -23.99 24.54 1.07
C VAL B 50 -24.00 24.36 2.56
N SER B 51 -24.77 23.38 2.98
CA SER B 51 -24.93 23.11 4.38
C SER B 51 -24.68 21.64 4.68
N VAL B 52 -23.79 21.34 5.60
CA VAL B 52 -23.40 19.96 5.84
C VAL B 52 -23.82 19.63 7.26
N ARG B 53 -24.49 18.50 7.42
CA ARG B 53 -24.88 17.97 8.72
C ARG B 53 -23.68 17.27 9.37
N THR B 54 -23.14 17.81 10.45
CA THR B 54 -21.91 17.25 10.97
C THR B 54 -22.00 16.40 12.23
N GLY B 55 -23.21 16.25 12.77
CA GLY B 55 -23.36 15.64 14.08
C GLY B 55 -23.63 14.16 14.16
N GLY B 56 -23.85 13.51 13.03
CA GLY B 56 -24.02 12.06 13.01
C GLY B 56 -25.17 11.64 13.90
N LEU B 57 -24.96 10.64 14.75
CA LEU B 57 -26.01 10.15 15.64
C LEU B 57 -26.03 10.93 16.94
N ALA B 58 -24.90 11.51 17.29
CA ALA B 58 -24.75 12.25 18.52
C ALA B 58 -25.60 13.52 18.60
N ASP B 59 -25.69 14.28 17.51
CA ASP B 59 -26.06 15.68 17.64
C ASP B 59 -26.77 16.17 16.38
N LYS B 60 -28.10 16.11 16.36
CA LYS B 60 -28.83 16.41 15.11
C LYS B 60 -28.79 17.84 14.63
N SER B 61 -28.29 18.76 15.44
CA SER B 61 -28.48 20.18 15.12
C SER B 61 -27.21 20.81 14.58
N SER B 62 -26.06 20.17 14.73
CA SER B 62 -24.84 20.78 14.23
CA SER B 62 -24.86 20.79 14.23
C SER B 62 -24.84 20.76 12.71
N ARG B 63 -24.41 21.89 12.16
CA ARG B 63 -24.23 22.07 10.74
C ARG B 63 -23.03 22.95 10.52
N LYS B 64 -22.59 22.93 9.27
CA LYS B 64 -21.60 23.86 8.78
C LYS B 64 -22.10 24.39 7.47
N THR B 65 -22.13 25.71 7.33
CA THR B 65 -22.83 26.34 6.22
C THR B 65 -21.85 27.28 5.53
N TYR B 66 -21.80 27.21 4.20
CA TYR B 66 -20.84 28.01 3.44
C TYR B 66 -21.54 28.70 2.29
N THR B 67 -21.15 29.94 2.02
CA THR B 67 -21.77 30.65 0.93
C THR B 67 -20.79 30.68 -0.24
N PHE B 68 -21.23 30.29 -1.42
CA PHE B 68 -20.32 30.37 -2.56
C PHE B 68 -20.86 31.34 -3.60
N ASP B 69 -20.13 31.52 -4.68
CA ASP B 69 -20.61 32.34 -5.78
C ASP B 69 -21.77 31.62 -6.46
N MET B 70 -21.78 30.29 -6.43
CA MET B 70 -22.86 29.54 -7.04
C MET B 70 -22.74 28.17 -6.47
N VAL B 71 -23.86 27.46 -6.37
CA VAL B 71 -23.95 26.15 -5.80
C VAL B 71 -24.83 25.32 -6.70
N PHE B 72 -24.39 24.11 -7.02
CA PHE B 72 -25.13 23.21 -7.89
C PHE B 72 -25.44 21.91 -7.15
N GLY B 73 -26.72 21.66 -6.91
CA GLY B 73 -27.10 20.42 -6.26
C GLY B 73 -26.94 19.18 -7.12
N ALA B 74 -27.36 18.05 -6.55
CA ALA B 74 -27.26 16.73 -7.17
C ALA B 74 -28.03 16.58 -8.46
N SER B 75 -29.10 17.34 -8.62
CA SER B 75 -29.85 17.22 -9.87
C SER B 75 -29.30 18.12 -11.01
N THR B 76 -28.18 18.82 -10.80
CA THR B 76 -27.65 19.69 -11.85
C THR B 76 -27.09 18.85 -13.01
N LYS B 77 -27.45 19.22 -14.24
CA LYS B 77 -26.99 18.50 -15.43
C LYS B 77 -25.81 19.24 -16.06
N GLN B 78 -25.06 18.56 -16.91
CA GLN B 78 -23.89 19.17 -17.51
C GLN B 78 -24.23 20.50 -18.17
N ILE B 79 -25.31 20.52 -18.93
CA ILE B 79 -25.67 21.76 -19.60
C ILE B 79 -25.89 22.91 -18.60
N ASP B 80 -26.47 22.65 -17.43
CA ASP B 80 -26.72 23.75 -16.48
C ASP B 80 -25.40 24.30 -15.98
N VAL B 81 -24.47 23.38 -15.67
CA VAL B 81 -23.15 23.80 -15.26
C VAL B 81 -22.51 24.61 -16.35
N TYR B 82 -22.73 24.20 -17.59
CA TYR B 82 -22.13 24.91 -18.73
C TYR B 82 -22.69 26.32 -18.91
N ARG B 83 -24.01 26.47 -18.93
CA ARG B 83 -24.60 27.81 -19.06
C ARG B 83 -24.23 28.72 -17.91
N SER B 84 -24.26 28.25 -16.66
CA SER B 84 -24.01 29.17 -15.56
C SER B 84 -22.55 29.50 -15.38
N VAL B 85 -21.65 28.58 -15.66
CA VAL B 85 -20.27 28.85 -15.34
C VAL B 85 -19.46 29.22 -16.57
N VAL B 86 -19.64 28.53 -17.68
CA VAL B 86 -18.65 28.67 -18.73
C VAL B 86 -19.02 29.75 -19.75
N CYS B 87 -20.28 29.79 -20.15
CA CYS B 87 -20.70 30.79 -21.15
CA CYS B 87 -20.73 30.78 -21.15
C CYS B 87 -20.17 32.18 -20.81
N PRO B 88 -20.40 32.65 -19.55
CA PRO B 88 -19.79 33.93 -19.18
C PRO B 88 -18.28 33.89 -19.36
N ILE B 89 -17.60 32.83 -18.92
CA ILE B 89 -16.15 32.83 -19.05
C ILE B 89 -15.66 32.85 -20.50
N LEU B 90 -16.29 32.04 -21.32
CA LEU B 90 -15.92 32.04 -22.72
C LEU B 90 -16.15 33.43 -23.38
N ASP B 91 -17.27 34.09 -23.04
CA ASP B 91 -17.47 35.48 -23.50
C ASP B 91 -16.26 36.35 -23.24
N GLU B 92 -15.66 36.24 -22.06
CA GLU B 92 -14.45 36.98 -21.71
C GLU B 92 -13.21 36.54 -22.51
N VAL B 93 -13.15 35.26 -22.85
CA VAL B 93 -11.98 34.72 -23.55
C VAL B 93 -12.02 35.32 -24.94
N ILE B 94 -13.22 35.35 -25.51
CA ILE B 94 -13.43 35.89 -26.82
C ILE B 94 -13.06 37.35 -26.90
N MET B 95 -13.29 38.13 -25.85
CA MET B 95 -12.70 39.47 -25.85
C MET B 95 -11.25 39.52 -25.37
N GLY B 96 -10.58 38.37 -25.34
CA GLY B 96 -9.12 38.32 -25.26
C GLY B 96 -8.55 38.42 -23.87
N TYR B 97 -9.37 38.09 -22.87
CA TYR B 97 -8.82 37.91 -21.54
C TYR B 97 -8.23 36.50 -21.40
N ASN B 98 -7.40 36.25 -20.39
CA ASN B 98 -7.06 34.87 -20.05
C ASN B 98 -7.90 34.29 -18.93
N CYS B 99 -8.39 33.06 -19.11
CA CYS B 99 -9.22 32.43 -18.08
C CYS B 99 -8.84 31.02 -17.67
N THR B 100 -9.13 30.71 -16.41
CA THR B 100 -8.85 29.39 -15.88
C THR B 100 -10.01 28.90 -15.07
N ILE B 101 -10.40 27.67 -15.34
CA ILE B 101 -11.39 26.96 -14.56
C ILE B 101 -10.75 25.69 -14.07
N PHE B 102 -10.65 25.54 -12.75
CA PHE B 102 -10.15 24.25 -12.31
C PHE B 102 -11.05 23.57 -11.36
N ALA B 103 -10.97 22.24 -11.35
CA ALA B 103 -11.88 21.42 -10.58
C ALA B 103 -11.08 20.81 -9.43
N TYR B 104 -11.64 20.90 -8.23
CA TYR B 104 -10.94 20.48 -7.01
C TYR B 104 -11.85 19.62 -6.16
N GLY B 105 -11.36 18.51 -5.65
CA GLY B 105 -12.19 17.66 -4.81
C GLY B 105 -11.64 16.27 -4.63
N GLN B 106 -12.21 15.56 -3.67
CA GLN B 106 -11.82 14.19 -3.42
C GLN B 106 -12.03 13.28 -4.68
N THR B 107 -11.23 12.24 -4.80
CA THR B 107 -11.43 11.21 -5.80
C THR B 107 -12.85 10.69 -5.83
N GLY B 108 -13.42 10.53 -7.03
CA GLY B 108 -14.74 9.99 -7.15
C GLY B 108 -15.90 10.98 -7.01
N THR B 109 -15.63 12.30 -6.92
CA THR B 109 -16.72 13.23 -6.59
C THR B 109 -17.22 13.92 -7.83
N GLY B 110 -16.48 13.79 -8.93
CA GLY B 110 -16.92 14.14 -10.27
C GLY B 110 -16.10 15.21 -10.98
N LYS B 111 -14.82 15.31 -10.69
CA LYS B 111 -13.95 16.29 -11.39
C LYS B 111 -13.88 16.03 -12.91
N THR B 112 -13.53 14.80 -13.25
CA THR B 112 -13.36 14.44 -14.65
C THR B 112 -14.73 14.62 -15.34
N PHE B 113 -15.81 14.16 -14.72
CA PHE B 113 -17.15 14.28 -15.26
C PHE B 113 -17.57 15.71 -15.59
N THR B 114 -17.10 16.65 -14.78
CA THR B 114 -17.42 18.04 -14.91
C THR B 114 -16.54 18.57 -16.04
N MET B 115 -15.22 18.46 -15.94
CA MET B 115 -14.35 19.03 -16.95
C MET B 115 -14.44 18.39 -18.34
N GLU B 116 -14.72 17.10 -18.39
CA GLU B 116 -14.72 16.39 -19.68
C GLU B 116 -16.03 15.71 -20.00
N GLY B 117 -16.55 14.92 -19.05
CA GLY B 117 -17.84 14.28 -19.22
C GLY B 117 -17.56 12.88 -19.69
N GLU B 118 -18.60 12.19 -20.16
CA GLU B 118 -18.48 10.84 -20.69
C GLU B 118 -19.28 10.80 -21.98
N ARG B 119 -19.09 9.77 -22.82
CA ARG B 119 -19.93 9.57 -24.01
C ARG B 119 -21.07 8.69 -23.60
N SER B 120 -22.32 9.02 -23.97
CA SER B 120 -23.40 8.05 -23.74
C SER B 120 -23.20 6.76 -24.55
N PRO B 121 -23.60 5.59 -24.02
CA PRO B 121 -23.26 4.36 -24.76
C PRO B 121 -23.99 4.20 -26.10
N ASN B 122 -23.43 3.41 -27.01
CA ASN B 122 -24.10 3.00 -28.25
C ASN B 122 -24.35 4.09 -29.29
N GLU B 123 -23.52 5.13 -29.30
CA GLU B 123 -23.61 6.16 -30.34
C GLU B 123 -25.01 6.76 -30.49
N GLU B 124 -25.78 6.72 -29.41
CA GLU B 124 -27.09 7.33 -29.39
C GLU B 124 -27.10 8.84 -29.76
N TYR B 125 -26.00 9.54 -29.47
CA TYR B 125 -25.95 10.99 -29.67
C TYR B 125 -24.69 11.44 -30.40
N THR B 126 -24.78 12.51 -31.15
CA THR B 126 -23.60 13.11 -31.71
C THR B 126 -22.82 13.65 -30.52
N TRP B 127 -21.51 13.78 -30.64
CA TRP B 127 -20.76 14.31 -29.51
C TRP B 127 -21.25 15.71 -29.08
N GLU B 128 -21.83 16.47 -30.01
CA GLU B 128 -22.29 17.82 -29.73
C GLU B 128 -23.55 17.81 -28.90
N GLU B 129 -24.28 16.72 -28.90
CA GLU B 129 -25.58 16.74 -28.24
C GLU B 129 -25.59 15.78 -27.09
N ASP B 130 -24.46 15.13 -26.83
CA ASP B 130 -24.42 14.23 -25.68
C ASP B 130 -24.79 14.91 -24.39
N PRO B 131 -25.83 14.44 -23.70
CA PRO B 131 -26.19 15.11 -22.43
C PRO B 131 -25.10 14.94 -21.37
N LEU B 132 -24.26 13.91 -21.45
CA LEU B 132 -23.13 13.72 -20.54
C LEU B 132 -21.82 14.45 -20.91
N ALA B 133 -21.76 15.08 -22.06
CA ALA B 133 -20.56 15.87 -22.40
C ALA B 133 -20.19 16.87 -21.28
N GLY B 134 -18.91 17.00 -20.91
CA GLY B 134 -18.52 17.97 -19.88
C GLY B 134 -18.15 19.29 -20.50
N ILE B 135 -17.29 20.05 -19.82
CA ILE B 135 -17.01 21.43 -20.19
C ILE B 135 -16.18 21.51 -21.46
N ILE B 136 -15.15 20.67 -21.50
CA ILE B 136 -14.19 20.71 -22.60
C ILE B 136 -14.90 20.54 -23.97
N PRO B 137 -15.65 19.44 -24.17
CA PRO B 137 -16.39 19.27 -25.43
C PRO B 137 -17.36 20.43 -25.70
N ARG B 138 -18.07 20.94 -24.71
CA ARG B 138 -19.06 21.96 -25.01
C ARG B 138 -18.39 23.29 -25.32
N THR B 139 -17.20 23.51 -24.83
CA THR B 139 -16.58 24.80 -25.05
C THR B 139 -16.15 24.80 -26.52
N LEU B 140 -15.58 23.69 -26.97
CA LEU B 140 -15.06 23.60 -28.32
C LEU B 140 -16.16 23.78 -29.35
N HIS B 141 -17.31 23.14 -29.13
CA HIS B 141 -18.45 23.40 -29.99
CA HIS B 141 -18.51 23.39 -29.94
C HIS B 141 -18.86 24.86 -29.93
N GLN B 142 -19.06 25.42 -28.74
CA GLN B 142 -19.52 26.79 -28.64
C GLN B 142 -18.57 27.80 -29.28
N ILE B 143 -17.27 27.52 -29.24
CA ILE B 143 -16.29 28.46 -29.77
C ILE B 143 -16.50 28.64 -31.26
N PHE B 144 -16.69 27.53 -31.98
CA PHE B 144 -16.97 27.61 -33.42
C PHE B 144 -18.34 28.22 -33.72
N GLU B 145 -19.42 27.65 -33.18
CA GLU B 145 -20.73 28.29 -33.21
C GLU B 145 -20.72 29.84 -33.08
N LYS B 146 -19.97 30.39 -32.13
CA LYS B 146 -20.03 31.83 -31.85
C LYS B 146 -19.29 32.62 -32.90
N LEU B 147 -18.12 32.13 -33.28
CA LEU B 147 -17.22 32.87 -34.14
C LEU B 147 -17.44 32.64 -35.63
N THR B 148 -17.99 31.49 -35.99
CA THR B 148 -18.37 31.22 -37.37
C THR B 148 -19.37 32.29 -37.83
N ASP B 149 -20.02 32.90 -36.85
CA ASP B 149 -21.11 33.86 -37.06
C ASP B 149 -20.60 35.27 -37.28
N ASN B 150 -19.66 35.69 -36.44
CA ASN B 150 -19.14 37.04 -36.48
C ASN B 150 -18.37 37.32 -37.76
N GLY B 151 -17.94 36.26 -38.43
CA GLY B 151 -17.23 36.38 -39.69
C GLY B 151 -15.84 37.01 -39.61
N THR B 152 -15.45 37.53 -38.43
CA THR B 152 -14.07 37.90 -38.11
C THR B 152 -13.18 36.69 -38.35
N GLU B 153 -11.97 36.90 -38.87
CA GLU B 153 -11.04 35.80 -39.11
C GLU B 153 -10.48 35.31 -37.77
N PHE B 154 -10.52 34.00 -37.54
CA PHE B 154 -10.09 33.43 -36.27
C PHE B 154 -9.47 32.05 -36.43
N SER B 155 -8.51 31.74 -35.56
CA SER B 155 -8.00 30.36 -35.45
C SER B 155 -8.09 29.85 -33.99
N VAL B 156 -8.23 28.54 -33.85
CA VAL B 156 -8.29 27.84 -32.59
C VAL B 156 -7.19 26.77 -32.55
N LYS B 157 -6.39 26.85 -31.48
CA LYS B 157 -5.55 25.71 -31.13
C LYS B 157 -5.68 25.21 -29.68
N VAL B 158 -5.53 23.88 -29.59
CA VAL B 158 -5.70 23.15 -28.37
C VAL B 158 -4.42 22.44 -27.98
N SER B 159 -4.32 22.08 -26.71
CA SER B 159 -3.28 21.20 -26.21
C SER B 159 -3.73 20.63 -24.87
N LEU B 160 -3.12 19.54 -24.45
CA LEU B 160 -3.63 18.81 -23.31
C LEU B 160 -2.41 18.10 -22.79
N LEU B 161 -1.97 18.53 -21.60
CA LEU B 161 -0.88 17.81 -20.97
C LEU B 161 -1.33 17.25 -19.62
N GLU B 162 -0.57 16.30 -19.09
CA GLU B 162 -0.86 15.78 -17.78
C GLU B 162 0.40 15.88 -16.95
N ILE B 163 0.21 16.06 -15.65
CA ILE B 163 1.31 16.04 -14.71
C ILE B 163 1.13 14.84 -13.80
N TYR B 164 2.15 13.99 -13.72
CA TYR B 164 2.15 12.83 -12.79
C TYR B 164 3.54 12.68 -12.18
N ASN B 165 3.59 12.59 -10.84
CA ASN B 165 4.87 12.53 -10.14
C ASN B 165 5.84 13.62 -10.62
N GLU B 166 5.32 14.82 -10.88
CA GLU B 166 6.13 15.95 -11.35
C GLU B 166 6.77 15.78 -12.74
N GLU B 167 6.21 14.88 -13.54
CA GLU B 167 6.65 14.68 -14.90
C GLU B 167 5.51 15.07 -15.85
N LEU B 168 5.86 15.57 -17.04
CA LEU B 168 4.88 16.08 -17.99
C LEU B 168 4.73 15.19 -19.21
N PHE B 169 3.49 14.90 -19.55
CA PHE B 169 3.19 14.01 -20.65
C PHE B 169 2.22 14.74 -21.56
N ASP B 170 2.37 14.46 -22.85
CA ASP B 170 1.58 15.11 -23.86
C ASP B 170 0.61 14.12 -24.47
N LEU B 171 -0.67 14.30 -24.18
CA LEU B 171 -1.66 13.42 -24.74
C LEU B 171 -2.02 13.73 -26.19
N LEU B 172 -1.82 14.94 -26.69
CA LEU B 172 -2.07 15.19 -28.11
C LEU B 172 -0.85 15.00 -29.00
N ASN B 173 0.22 14.47 -28.47
CA ASN B 173 1.43 14.40 -29.29
C ASN B 173 1.33 13.35 -30.43
N PRO B 174 1.92 13.63 -31.60
CA PRO B 174 1.85 12.59 -32.65
C PRO B 174 2.68 11.34 -32.28
N SER B 175 3.70 11.51 -31.46
CA SER B 175 4.52 10.42 -30.92
C SER B 175 3.66 9.30 -30.38
N SER B 176 3.94 8.06 -30.74
CA SER B 176 3.10 6.95 -30.33
C SER B 176 3.28 6.55 -28.86
N ASP B 177 4.38 6.94 -28.20
CA ASP B 177 4.66 6.56 -26.80
C ASP B 177 4.31 7.77 -25.91
N VAL B 178 3.23 7.61 -25.17
CA VAL B 178 2.71 8.60 -24.25
C VAL B 178 3.69 9.00 -23.17
N SER B 179 4.76 8.23 -22.96
CA SER B 179 5.69 8.48 -21.87
C SER B 179 6.90 9.31 -22.23
N GLU B 180 6.98 9.75 -23.48
CA GLU B 180 8.06 10.67 -23.81
C GLU B 180 7.77 12.01 -23.08
N ARG B 181 8.66 12.44 -22.22
CA ARG B 181 8.35 13.59 -21.34
C ARG B 181 8.58 15.00 -21.92
N LEU B 182 7.72 15.95 -21.55
CA LEU B 182 7.98 17.36 -21.83
C LEU B 182 8.87 17.97 -20.74
N GLN B 183 9.31 19.22 -20.94
CA GLN B 183 10.02 20.00 -19.95
C GLN B 183 9.51 21.43 -19.97
N MET B 184 9.93 22.19 -18.98
CA MET B 184 9.25 23.41 -18.61
C MET B 184 10.34 24.42 -18.35
N PHE B 185 10.17 25.61 -18.93
CA PHE B 185 11.14 26.72 -18.90
CA PHE B 185 11.09 26.69 -18.66
C PHE B 185 10.38 28.03 -18.64
N ASP B 186 11.05 29.01 -18.02
CA ASP B 186 10.47 30.34 -17.83
C ASP B 186 10.18 31.00 -19.17
N ASP B 187 9.05 31.70 -19.26
CA ASP B 187 8.68 32.44 -20.47
C ASP B 187 9.45 33.76 -20.44
N PRO B 188 10.27 34.01 -21.48
CA PRO B 188 11.12 35.20 -21.47
C PRO B 188 10.31 36.47 -21.75
N ARG B 189 9.17 36.31 -22.41
CA ARG B 189 8.29 37.40 -22.76
C ARG B 189 7.04 37.39 -21.85
N ASN B 190 7.20 36.87 -20.63
CA ASN B 190 6.21 36.93 -19.54
C ASN B 190 6.75 36.39 -18.22
N LYS B 191 6.71 37.27 -17.21
CA LYS B 191 7.34 37.04 -15.91
C LYS B 191 6.64 35.97 -15.05
N ARG B 192 5.36 35.74 -15.32
CA ARG B 192 4.59 34.76 -14.56
C ARG B 192 4.26 33.49 -15.36
N GLY B 193 4.77 33.40 -16.58
CA GLY B 193 4.45 32.27 -17.45
C GLY B 193 5.52 31.22 -17.66
N VAL B 194 5.16 30.08 -18.24
CA VAL B 194 6.16 29.07 -18.60
C VAL B 194 5.92 28.69 -20.04
N ILE B 195 6.93 28.10 -20.66
CA ILE B 195 6.77 27.48 -21.97
C ILE B 195 6.96 25.99 -21.78
N ILE B 196 6.06 25.19 -22.34
CA ILE B 196 6.26 23.76 -22.29
C ILE B 196 6.95 23.29 -23.58
N LYS B 197 8.21 22.91 -23.44
CA LYS B 197 9.04 22.42 -24.54
C LYS B 197 8.54 21.07 -25.05
N GLY B 198 8.24 21.00 -26.35
CA GLY B 198 7.77 19.79 -26.99
C GLY B 198 6.26 19.74 -27.08
N LEU B 199 5.53 20.70 -26.53
CA LEU B 199 4.08 20.51 -26.49
C LEU B 199 3.48 20.63 -27.87
N GLU B 200 2.79 19.60 -28.33
CA GLU B 200 2.02 19.71 -29.56
C GLU B 200 0.84 20.62 -29.35
N GLU B 201 0.82 21.73 -30.06
CA GLU B 201 -0.39 22.53 -30.10
C GLU B 201 -1.08 22.29 -31.41
N ILE B 202 -2.30 21.76 -31.40
CA ILE B 202 -2.98 21.43 -32.64
C ILE B 202 -3.97 22.51 -33.07
N THR B 203 -3.79 23.04 -34.28
CA THR B 203 -4.80 23.89 -34.92
C THR B 203 -6.06 23.08 -35.22
N VAL B 204 -7.20 23.62 -34.79
CA VAL B 204 -8.50 22.98 -35.02
C VAL B 204 -9.21 23.87 -36.04
N HIS B 205 -9.26 23.40 -37.29
CA HIS B 205 -9.77 24.21 -38.40
C HIS B 205 -11.30 24.36 -38.39
N ASN B 206 -12.01 23.36 -37.88
CA ASN B 206 -13.45 23.45 -37.73
C ASN B 206 -14.01 22.43 -36.73
N LYS B 207 -15.16 22.74 -36.15
CA LYS B 207 -15.86 21.81 -35.29
C LYS B 207 -15.79 20.34 -35.74
N ASP B 208 -15.77 20.11 -37.05
CA ASP B 208 -15.76 18.72 -37.57
C ASP B 208 -14.44 17.99 -37.29
N GLU B 209 -13.45 18.71 -36.78
CA GLU B 209 -12.14 18.17 -36.43
C GLU B 209 -11.93 17.94 -34.93
N VAL B 210 -12.85 18.41 -34.10
CA VAL B 210 -12.76 18.31 -32.63
C VAL B 210 -12.83 16.88 -32.04
N TYR B 211 -13.85 16.13 -32.39
CA TYR B 211 -14.03 14.81 -31.83
C TYR B 211 -12.85 13.85 -31.99
N GLN B 212 -12.31 13.74 -33.21
CA GLN B 212 -11.16 12.85 -33.40
C GLN B 212 -9.99 13.27 -32.53
N ILE B 213 -9.87 14.55 -32.25
CA ILE B 213 -8.76 14.94 -31.42
C ILE B 213 -8.94 14.49 -29.94
N LEU B 214 -10.16 14.62 -29.41
CA LEU B 214 -10.46 14.17 -28.05
C LEU B 214 -10.29 12.64 -27.93
N GLU B 215 -10.88 11.91 -28.87
CA GLU B 215 -10.70 10.46 -28.96
C GLU B 215 -9.23 10.07 -28.81
N LYS B 216 -8.32 10.74 -29.51
CA LYS B 216 -6.91 10.34 -29.49
C LYS B 216 -6.28 10.66 -28.14
N GLY B 217 -6.64 11.80 -27.57
CA GLY B 217 -6.13 12.17 -26.26
C GLY B 217 -6.61 11.18 -25.22
N ALA B 218 -7.88 10.82 -25.30
CA ALA B 218 -8.44 9.85 -24.36
C ALA B 218 -7.71 8.49 -24.49
N ALA B 219 -7.40 8.06 -25.71
CA ALA B 219 -6.79 6.74 -25.91
C ALA B 219 -5.36 6.77 -25.40
N LYS B 220 -4.68 7.90 -25.61
CA LYS B 220 -3.32 8.04 -25.12
C LYS B 220 -3.34 8.02 -23.59
N ARG B 221 -4.41 8.56 -23.00
CA ARG B 221 -4.54 8.60 -21.54
C ARG B 221 -4.88 7.23 -20.99
N THR B 222 -5.67 6.46 -21.73
CA THR B 222 -5.95 5.10 -21.33
C THR B 222 -4.67 4.27 -21.22
N THR B 223 -3.75 4.46 -22.15
CA THR B 223 -2.45 3.80 -22.11
C THR B 223 -1.57 4.25 -20.93
N ALA B 224 -1.61 5.54 -20.63
CA ALA B 224 -0.81 6.05 -19.54
C ALA B 224 -1.23 5.39 -18.22
N ALA B 225 -2.54 5.20 -18.02
CA ALA B 225 -3.05 4.64 -16.76
C ALA B 225 -2.56 3.20 -16.58
N THR B 226 -2.37 2.50 -17.70
CA THR B 226 -1.92 1.14 -17.56
C THR B 226 -0.44 1.08 -17.29
N LEU B 227 0.27 2.21 -17.39
CA LEU B 227 1.71 2.20 -17.22
C LEU B 227 2.22 2.72 -15.88
N MET B 228 1.38 3.45 -15.15
CA MET B 228 1.84 4.08 -13.92
C MET B 228 0.85 3.92 -12.75
N ASN B 229 1.37 3.78 -11.56
CA ASN B 229 0.49 3.47 -10.45
C ASN B 229 -0.49 4.60 -10.08
N ALA B 230 -1.79 4.24 -10.03
CA ALA B 230 -2.87 5.15 -9.65
C ALA B 230 -2.79 6.41 -10.51
N TYR B 231 -2.53 6.21 -11.80
CA TYR B 231 -2.25 7.35 -12.66
C TYR B 231 -3.45 8.30 -12.70
N SER B 232 -4.66 7.75 -12.74
CA SER B 232 -5.85 8.56 -12.91
C SER B 232 -6.22 9.39 -11.69
N SER B 233 -6.05 8.82 -10.51
CA SER B 233 -6.29 9.56 -9.29
C SER B 233 -5.13 10.44 -8.80
N ARG B 234 -3.89 10.22 -9.27
CA ARG B 234 -2.76 11.09 -8.85
C ARG B 234 -2.25 12.12 -9.87
N SER B 235 -2.88 12.18 -11.02
CA SER B 235 -2.42 13.06 -12.09
C SER B 235 -3.27 14.32 -12.25
N HIS B 236 -2.66 15.40 -12.71
CA HIS B 236 -3.41 16.58 -13.08
C HIS B 236 -3.49 16.75 -14.60
N SER B 237 -4.68 17.08 -15.08
CA SER B 237 -4.92 17.31 -16.49
C SER B 237 -4.97 18.79 -16.82
N VAL B 238 -4.21 19.26 -17.80
CA VAL B 238 -4.34 20.67 -18.20
C VAL B 238 -4.76 20.78 -19.66
N PHE B 239 -5.99 21.20 -19.92
CA PHE B 239 -6.42 21.40 -21.31
C PHE B 239 -6.43 22.90 -21.59
N SER B 240 -5.80 23.25 -22.69
CA SER B 240 -5.65 24.65 -23.04
C SER B 240 -6.18 24.92 -24.43
N VAL B 241 -7.03 25.94 -24.54
CA VAL B 241 -7.51 26.41 -25.85
C VAL B 241 -7.06 27.84 -26.08
N THR B 242 -6.48 28.06 -27.25
CA THR B 242 -6.03 29.41 -27.57
C THR B 242 -6.77 29.90 -28.79
N ILE B 243 -7.34 31.10 -28.68
CA ILE B 243 -8.09 31.71 -29.79
C ILE B 243 -7.43 33.01 -30.26
N HIS B 244 -7.08 33.03 -31.54
CA HIS B 244 -6.55 34.22 -32.20
C HIS B 244 -7.63 34.92 -33.01
N MET B 245 -7.87 36.18 -32.69
CA MET B 245 -8.80 36.99 -33.46
C MET B 245 -8.17 38.19 -34.14
N LYS B 246 -8.24 38.17 -35.48
CA LYS B 246 -7.72 39.25 -36.33
C LYS B 246 -8.85 40.25 -36.52
N GLU B 247 -8.71 41.40 -35.88
CA GLU B 247 -9.78 42.38 -35.79
C GLU B 247 -9.45 43.69 -36.52
N GLU B 253 -9.95 47.99 -35.33
CA GLU B 253 -8.59 48.26 -35.78
C GLU B 253 -8.08 47.23 -36.80
N GLU B 254 -6.75 47.13 -36.98
CA GLU B 254 -6.07 45.93 -37.54
C GLU B 254 -5.10 45.26 -36.53
N LEU B 255 -5.68 44.63 -35.49
CA LEU B 255 -4.93 43.94 -34.41
C LEU B 255 -5.25 42.45 -34.18
N VAL B 256 -4.28 41.73 -33.61
CA VAL B 256 -4.53 40.37 -33.08
C VAL B 256 -4.98 40.39 -31.60
N LYS B 257 -6.14 39.78 -31.36
CA LYS B 257 -6.59 39.59 -29.99
C LYS B 257 -6.40 38.11 -29.65
N ILE B 258 -5.81 37.82 -28.49
CA ILE B 258 -5.66 36.43 -28.06
C ILE B 258 -6.40 36.11 -26.76
N GLY B 259 -7.25 35.09 -26.81
CA GLY B 259 -7.92 34.59 -25.62
C GLY B 259 -7.37 33.21 -25.28
N LYS B 260 -6.93 33.05 -24.04
CA LYS B 260 -6.55 31.72 -23.57
C LYS B 260 -7.51 31.13 -22.54
N LEU B 261 -7.99 29.91 -22.79
CA LEU B 261 -8.73 29.17 -21.77
C LEU B 261 -8.03 27.89 -21.28
N ASN B 262 -7.76 27.81 -19.99
CA ASN B 262 -7.23 26.59 -19.36
C ASN B 262 -8.31 25.88 -18.57
N LEU B 263 -8.54 24.61 -18.90
CA LEU B 263 -9.46 23.77 -18.16
C LEU B 263 -8.64 22.67 -17.51
N VAL B 264 -8.66 22.69 -16.19
CA VAL B 264 -7.76 21.90 -15.37
C VAL B 264 -8.57 20.96 -14.47
N ASP B 265 -8.09 19.73 -14.43
CA ASP B 265 -8.75 18.72 -13.69
C ASP B 265 -7.69 18.22 -12.70
N LEU B 266 -7.78 18.64 -11.44
CA LEU B 266 -6.73 18.34 -10.45
C LEU B 266 -6.73 16.90 -9.98
N ALA B 267 -5.64 16.45 -9.37
CA ALA B 267 -5.68 15.15 -8.69
C ALA B 267 -6.58 15.23 -7.44
N GLY B 268 -7.06 14.07 -7.00
CA GLY B 268 -7.78 13.86 -5.75
C GLY B 268 -7.24 14.66 -4.58
N SER B 269 -8.11 15.40 -3.90
CA SER B 269 -7.71 16.25 -2.79
C SER B 269 -7.24 15.45 -1.60
N GLU B 270 -7.84 14.29 -1.38
CA GLU B 270 -7.53 13.49 -0.19
C GLU B 270 -6.06 13.09 -0.12
N ASN B 271 -5.33 13.27 -1.23
CA ASN B 271 -3.94 12.81 -1.40
C ASN B 271 -2.96 13.35 -0.33
N ASN B 287 7.86 12.97 -4.93
CA ASN B 287 7.27 13.93 -5.88
C ASN B 287 5.81 13.64 -6.23
N ILE B 288 5.31 12.53 -5.68
CA ILE B 288 4.00 12.05 -6.10
C ILE B 288 2.87 13.06 -5.87
N ASN B 289 2.87 13.72 -4.71
CA ASN B 289 1.83 14.69 -4.42
C ASN B 289 2.39 16.08 -4.26
N GLN B 290 3.62 16.30 -4.71
CA GLN B 290 4.23 17.60 -4.64
C GLN B 290 3.37 18.69 -5.22
N SER B 291 2.63 18.41 -6.28
CA SER B 291 1.89 19.49 -6.93
C SER B 291 0.64 19.93 -6.18
N LEU B 292 -0.11 18.96 -5.69
CA LEU B 292 -1.18 19.23 -4.73
C LEU B 292 -0.67 19.89 -3.42
N LEU B 293 0.43 19.36 -2.91
CA LEU B 293 1.05 19.93 -1.72
C LEU B 293 1.38 21.41 -1.86
N THR B 294 2.05 21.78 -2.96
CA THR B 294 2.39 23.18 -3.25
C THR B 294 1.16 24.01 -3.58
N LEU B 295 0.20 23.43 -4.29
CA LEU B 295 -1.05 24.16 -4.54
C LEU B 295 -1.65 24.68 -3.27
N GLY B 296 -1.66 23.87 -2.20
CA GLY B 296 -2.20 24.30 -0.91
C GLY B 296 -1.37 25.39 -0.27
N ARG B 297 -0.07 25.18 -0.18
CA ARG B 297 0.79 26.23 0.32
C ARG B 297 0.69 27.51 -0.52
N VAL B 298 0.56 27.40 -1.85
CA VAL B 298 0.42 28.61 -2.65
C VAL B 298 -0.85 29.35 -2.28
N ILE B 299 -1.96 28.62 -2.13
CA ILE B 299 -3.24 29.24 -1.75
C ILE B 299 -3.16 29.93 -0.38
N THR B 300 -2.65 29.21 0.63
CA THR B 300 -2.50 29.77 1.98
C THR B 300 -1.75 31.11 1.95
N ALA B 301 -0.60 31.12 1.30
CA ALA B 301 0.19 32.34 1.16
C ALA B 301 -0.57 33.46 0.43
N LEU B 302 -1.48 33.10 -0.47
CA LEU B 302 -2.24 34.16 -1.11
C LEU B 302 -3.26 34.74 -0.17
N VAL B 303 -3.79 33.92 0.74
CA VAL B 303 -4.80 34.41 1.67
C VAL B 303 -4.21 35.27 2.79
N GLU B 304 -3.00 34.91 3.26
CA GLU B 304 -2.27 35.67 4.29
C GLU B 304 -1.24 36.67 3.76
N ARG B 305 -1.44 37.16 2.54
CA ARG B 305 -0.58 38.16 1.90
C ARG B 305 0.93 38.08 2.20
N THR B 306 1.38 36.84 2.31
CA THR B 306 2.77 36.41 2.49
C THR B 306 3.75 36.87 1.40
N PRO B 307 5.01 37.16 1.81
CA PRO B 307 6.05 37.76 0.98
C PRO B 307 6.44 36.94 -0.26
N HIS B 308 6.74 35.65 -0.11
CA HIS B 308 7.11 34.88 -1.31
C HIS B 308 6.29 33.62 -1.48
N VAL B 309 5.42 33.67 -2.48
CA VAL B 309 4.56 32.55 -2.84
C VAL B 309 5.36 31.52 -3.62
N PRO B 310 5.45 30.28 -3.11
CA PRO B 310 6.35 29.24 -3.64
C PRO B 310 5.85 28.57 -4.93
N TYR B 311 5.41 29.41 -5.87
CA TYR B 311 4.99 29.00 -7.21
C TYR B 311 5.92 27.99 -7.85
N ARG B 312 7.23 28.19 -7.68
CA ARG B 312 8.27 27.38 -8.32
C ARG B 312 8.38 26.00 -7.71
N GLU B 313 7.74 25.75 -6.57
CA GLU B 313 8.01 24.46 -5.92
C GLU B 313 7.30 23.22 -6.46
N SER B 314 6.50 23.39 -7.52
CA SER B 314 5.85 22.27 -8.20
C SER B 314 5.57 22.64 -9.64
N LYS B 315 5.49 21.65 -10.52
CA LYS B 315 5.13 21.93 -11.90
C LYS B 315 3.77 22.58 -12.06
N LEU B 316 2.81 22.18 -11.24
CA LEU B 316 1.45 22.66 -11.41
C LEU B 316 1.38 24.16 -11.09
N THR B 317 1.95 24.54 -9.95
CA THR B 317 1.75 25.91 -9.53
C THR B 317 2.52 26.84 -10.45
N ARG B 318 3.56 26.33 -11.13
CA ARG B 318 4.23 27.12 -12.17
C ARG B 318 3.34 27.32 -13.41
N ILE B 319 2.63 26.29 -13.81
CA ILE B 319 1.70 26.37 -14.92
C ILE B 319 0.55 27.31 -14.53
N LEU B 320 0.18 27.29 -13.26
CA LEU B 320 -0.98 28.06 -12.83
C LEU B 320 -0.63 29.40 -12.16
N GLN B 321 0.63 29.80 -12.24
CA GLN B 321 1.03 31.04 -11.57
C GLN B 321 0.18 32.26 -11.90
N ASP B 322 -0.05 32.54 -13.19
CA ASP B 322 -0.99 33.57 -13.60
C ASP B 322 -2.42 33.47 -13.09
N SER B 323 -2.87 32.24 -12.89
CA SER B 323 -4.25 32.06 -12.56
C SER B 323 -4.41 32.18 -11.06
N LEU B 324 -3.27 32.25 -10.36
CA LEU B 324 -3.29 32.26 -8.90
C LEU B 324 -2.65 33.52 -8.29
N GLY B 325 -3.34 34.65 -8.41
CA GLY B 325 -2.77 35.92 -8.02
C GLY B 325 -2.41 36.75 -9.23
N GLY B 326 -2.19 36.13 -10.38
CA GLY B 326 -1.85 36.88 -11.59
C GLY B 326 -3.01 37.56 -12.33
N ARG B 327 -2.78 37.77 -13.62
CA ARG B 327 -3.69 38.57 -14.43
C ARG B 327 -4.82 37.70 -15.03
N THR B 328 -4.67 36.39 -14.98
CA THR B 328 -5.69 35.46 -15.46
C THR B 328 -6.90 35.54 -14.52
N ARG B 329 -8.09 35.36 -15.05
CA ARG B 329 -9.28 35.29 -14.24
C ARG B 329 -9.77 33.85 -14.01
N THR B 330 -9.98 33.54 -12.73
CA THR B 330 -10.07 32.18 -12.29
C THR B 330 -11.38 31.77 -11.63
N SER B 331 -11.87 30.59 -12.04
CA SER B 331 -12.94 29.94 -11.36
C SER B 331 -12.53 28.54 -10.89
N ILE B 332 -12.99 28.19 -9.69
CA ILE B 332 -12.73 26.91 -9.08
C ILE B 332 -14.07 26.21 -8.97
N ILE B 333 -14.16 24.96 -9.42
CA ILE B 333 -15.39 24.19 -9.22
C ILE B 333 -15.08 23.18 -8.12
N ALA B 334 -15.67 23.29 -6.93
CA ALA B 334 -15.31 22.32 -5.90
C ALA B 334 -16.30 21.17 -5.95
N THR B 335 -15.84 19.93 -5.88
CA THR B 335 -16.78 18.84 -6.14
C THR B 335 -16.84 18.03 -4.87
N ILE B 336 -18.03 17.56 -4.51
CA ILE B 336 -18.25 16.88 -3.21
C ILE B 336 -19.29 15.80 -3.39
N SER B 337 -19.26 14.81 -2.50
CA SER B 337 -20.22 13.71 -2.50
C SER B 337 -21.26 13.99 -1.41
N PRO B 338 -22.48 13.46 -1.57
CA PRO B 338 -23.49 13.75 -0.55
C PRO B 338 -23.47 12.86 0.69
N ALA B 339 -22.57 11.89 0.73
CA ALA B 339 -22.76 10.78 1.67
C ALA B 339 -22.18 11.03 3.04
N SER B 340 -22.88 10.64 4.08
CA SER B 340 -22.31 10.64 5.43
C SER B 340 -20.89 10.06 5.56
N LEU B 341 -20.58 9.02 4.80
CA LEU B 341 -19.28 8.42 4.93
C LEU B 341 -18.16 9.43 4.67
N ASN B 342 -18.41 10.39 3.76
CA ASN B 342 -17.37 11.25 3.25
C ASN B 342 -17.27 12.58 3.97
N LEU B 343 -17.90 12.63 5.15
CA LEU B 343 -17.99 13.87 5.95
C LEU B 343 -16.72 14.68 6.06
N GLU B 344 -15.69 14.03 6.57
CA GLU B 344 -14.41 14.68 6.79
C GLU B 344 -13.80 15.29 5.51
N GLU B 345 -13.88 14.57 4.40
CA GLU B 345 -13.28 15.03 3.16
C GLU B 345 -14.08 16.12 2.48
N THR B 346 -15.41 15.96 2.50
CA THR B 346 -16.34 17.03 2.12
C THR B 346 -16.06 18.33 2.88
N LEU B 347 -15.96 18.30 4.20
CA LEU B 347 -15.67 19.55 4.94
C LEU B 347 -14.36 20.16 4.52
N SER B 348 -13.34 19.31 4.42
CA SER B 348 -12.06 19.82 4.05
C SER B 348 -12.07 20.39 2.63
N THR B 349 -12.84 19.82 1.69
CA THR B 349 -12.94 20.40 0.36
C THR B 349 -13.57 21.77 0.47
N LEU B 350 -14.67 21.84 1.21
CA LEU B 350 -15.36 23.10 1.41
C LEU B 350 -14.52 24.19 2.08
N GLU B 351 -13.77 23.85 3.15
CA GLU B 351 -12.89 24.83 3.81
C GLU B 351 -11.87 25.34 2.80
N TYR B 352 -11.22 24.41 2.13
CA TYR B 352 -10.16 24.73 1.19
C TYR B 352 -10.69 25.58 0.07
N ALA B 353 -11.84 25.27 -0.48
CA ALA B 353 -12.31 26.06 -1.60
C ALA B 353 -12.76 27.44 -1.15
N HIS B 354 -13.47 27.42 -0.04
CA HIS B 354 -14.07 28.61 0.49
C HIS B 354 -13.08 29.72 0.75
N ARG B 355 -11.90 29.35 1.23
CA ARG B 355 -10.94 30.35 1.61
C ARG B 355 -10.38 30.99 0.35
N ALA B 356 -10.48 30.29 -0.79
CA ALA B 356 -9.88 30.79 -2.02
C ALA B 356 -10.70 31.90 -2.63
N LYS B 357 -11.87 32.21 -2.07
CA LYS B 357 -12.63 33.39 -2.49
C LYS B 357 -11.98 34.73 -2.14
N ASN B 358 -11.20 34.75 -1.05
CA ASN B 358 -10.47 35.95 -0.63
C ASN B 358 -9.41 36.38 -1.64
N ILE B 359 -8.73 35.42 -2.25
CA ILE B 359 -7.73 35.75 -3.26
C ILE B 359 -8.28 36.63 -4.38
N LEU B 360 -7.52 37.65 -4.76
CA LEU B 360 -7.86 38.47 -5.93
C LEU B 360 -6.83 38.49 -7.06
N ASN B 361 -7.33 38.32 -8.28
CA ASN B 361 -6.52 38.48 -9.48
CA ASN B 361 -6.51 38.51 -9.46
C ASN B 361 -6.81 39.86 -10.12
N LYS B 362 -5.90 40.35 -10.95
CA LYS B 362 -6.13 41.59 -11.71
C LYS B 362 -6.11 41.35 -13.24
N PRO B 363 -7.25 40.94 -13.84
CA PRO B 363 -7.42 40.48 -15.25
C PRO B 363 -7.00 41.38 -16.45
N GLU B 364 -6.19 40.79 -17.33
CA GLU B 364 -5.49 41.43 -18.46
C GLU B 364 -4.72 42.71 -18.12
N ASN C 18 -4.78 -7.66 39.86
CA ASN C 18 -4.96 -9.11 39.54
C ASN C 18 -5.85 -9.27 38.30
N ILE C 19 -5.21 -9.36 37.13
CA ILE C 19 -5.97 -9.60 35.91
C ILE C 19 -5.66 -10.99 35.33
N GLN C 20 -6.68 -11.67 34.83
CA GLN C 20 -6.50 -13.02 34.36
C GLN C 20 -5.98 -12.99 32.94
N VAL C 21 -4.97 -13.80 32.65
CA VAL C 21 -4.43 -13.89 31.30
C VAL C 21 -4.32 -15.33 30.82
N VAL C 22 -4.98 -15.62 29.71
CA VAL C 22 -5.01 -16.95 29.15
C VAL C 22 -4.53 -16.90 27.71
N VAL C 23 -4.18 -18.05 27.14
CA VAL C 23 -3.69 -18.07 25.77
C VAL C 23 -4.41 -19.14 25.00
N ARG C 24 -4.79 -18.88 23.75
CA ARG C 24 -5.46 -19.89 22.95
C ARG C 24 -4.82 -20.06 21.56
N CYS C 25 -4.17 -21.18 21.29
CA CYS C 25 -3.53 -21.37 20.00
C CYS C 25 -4.59 -21.87 19.05
N ARG C 26 -4.72 -21.31 17.86
CA ARG C 26 -5.64 -21.90 16.91
C ARG C 26 -4.99 -23.07 16.14
N PRO C 27 -5.78 -23.98 15.56
CA PRO C 27 -5.25 -24.98 14.63
C PRO C 27 -4.86 -24.39 13.28
N PHE C 28 -4.29 -25.21 12.39
CA PHE C 28 -3.80 -24.79 11.08
C PHE C 28 -4.92 -24.46 10.11
N ASN C 29 -4.84 -23.32 9.42
CA ASN C 29 -5.77 -23.02 8.28
C ASN C 29 -5.38 -23.69 6.94
N LEU C 30 -6.24 -23.62 5.92
CA LEU C 30 -5.95 -24.25 4.62
C LEU C 30 -4.64 -23.74 3.98
N ALA C 31 -4.42 -22.44 4.06
CA ALA C 31 -3.20 -21.77 3.58
C ALA C 31 -1.93 -22.36 4.17
N GLU C 32 -1.99 -22.65 5.48
CA GLU C 32 -0.87 -23.22 6.19
C GLU C 32 -0.66 -24.69 5.80
N ARG C 33 -1.72 -25.47 5.62
CA ARG C 33 -1.57 -26.90 5.34
C ARG C 33 -0.96 -27.01 3.96
N LYS C 34 -1.42 -26.12 3.09
CA LYS C 34 -1.06 -26.09 1.68
C LYS C 34 0.42 -25.74 1.50
N ALA C 35 0.92 -24.85 2.36
CA ALA C 35 2.32 -24.47 2.35
C ALA C 35 3.17 -25.44 3.17
N SER C 36 2.58 -26.56 3.56
CA SER C 36 3.23 -27.50 4.47
C SER C 36 3.84 -26.87 5.74
N ALA C 37 3.12 -25.94 6.37
CA ALA C 37 3.58 -25.30 7.61
C ALA C 37 4.07 -26.32 8.64
N HIS C 38 5.09 -25.98 9.40
CA HIS C 38 5.49 -26.73 10.59
C HIS C 38 5.08 -25.93 11.80
N SER C 39 4.76 -26.64 12.87
CA SER C 39 4.33 -26.01 14.08
C SER C 39 5.53 -25.61 14.92
N ILE C 40 5.41 -24.56 15.72
CA ILE C 40 6.49 -24.16 16.59
C ILE C 40 5.95 -23.84 17.97
N VAL C 41 4.68 -24.14 18.19
CA VAL C 41 4.02 -23.83 19.45
C VAL C 41 3.61 -25.13 20.09
N GLU C 42 4.04 -25.32 21.34
CA GLU C 42 3.55 -26.45 22.13
C GLU C 42 2.85 -25.93 23.36
N CYS C 43 1.55 -26.25 23.44
CA CYS C 43 0.71 -25.92 24.60
C CYS C 43 0.58 -27.09 25.57
N ASP C 44 0.93 -26.88 26.84
CA ASP C 44 0.67 -27.84 27.94
C ASP C 44 -0.47 -27.36 28.88
N PRO C 45 -1.72 -27.84 28.67
CA PRO C 45 -2.83 -27.41 29.54
C PRO C 45 -2.54 -27.61 31.02
N VAL C 46 -2.16 -28.83 31.40
CA VAL C 46 -1.86 -29.16 32.79
C VAL C 46 -0.81 -28.24 33.42
N ARG C 47 0.32 -28.02 32.73
CA ARG C 47 1.37 -27.18 33.31
C ARG C 47 1.09 -25.66 33.20
N LYS C 48 -0.03 -25.31 32.57
CA LYS C 48 -0.35 -23.92 32.25
C LYS C 48 0.80 -23.22 31.48
N GLU C 49 1.32 -23.89 30.45
CA GLU C 49 2.51 -23.43 29.77
C GLU C 49 2.39 -23.37 28.23
N VAL C 50 2.91 -22.28 27.65
CA VAL C 50 3.11 -22.20 26.21
C VAL C 50 4.61 -22.25 25.86
N SER C 51 4.96 -23.18 24.98
CA SER C 51 6.36 -23.37 24.56
C SER C 51 6.65 -23.04 23.07
N VAL C 52 7.58 -22.13 22.83
CA VAL C 52 7.87 -21.76 21.45
C VAL C 52 9.27 -22.10 20.96
N ARG C 53 9.27 -22.86 19.88
CA ARG C 53 10.48 -23.28 19.20
C ARG C 53 11.01 -22.09 18.41
N THR C 54 12.24 -21.63 18.70
CA THR C 54 12.70 -20.34 18.19
C THR C 54 13.92 -20.27 17.25
N GLY C 55 14.48 -21.39 16.82
CA GLY C 55 15.76 -21.30 16.14
C GLY C 55 15.71 -21.91 14.77
N GLY C 56 14.51 -22.10 14.24
CA GLY C 56 14.35 -22.35 12.83
C GLY C 56 15.29 -23.47 12.49
N LEU C 57 16.09 -23.30 11.44
CA LEU C 57 16.88 -24.42 10.98
C LEU C 57 18.24 -24.44 11.62
N ALA C 58 18.55 -23.34 12.30
CA ALA C 58 19.89 -23.11 12.82
C ALA C 58 20.07 -23.75 14.17
N ASP C 59 18.97 -23.89 14.90
CA ASP C 59 19.01 -24.43 16.27
C ASP C 59 17.70 -25.05 16.74
N LYS C 60 17.65 -26.36 16.61
CA LYS C 60 16.44 -27.15 16.71
C LYS C 60 15.95 -27.28 18.14
N SER C 61 16.83 -26.97 19.09
CA SER C 61 16.58 -27.24 20.49
C SER C 61 16.11 -26.00 21.24
N SER C 62 16.39 -24.82 20.68
CA SER C 62 16.06 -23.55 21.33
C SER C 62 14.58 -23.41 21.63
N ARG C 63 14.30 -23.05 22.87
CA ARG C 63 12.93 -22.88 23.32
C ARG C 63 12.78 -21.59 24.09
N LYS C 64 11.59 -21.03 23.96
CA LYS C 64 11.15 -19.98 24.85
C LYS C 64 9.81 -20.49 25.35
N THR C 65 9.62 -20.35 26.66
CA THR C 65 8.53 -20.93 27.43
C THR C 65 7.80 -19.83 28.20
N TYR C 66 6.49 -19.97 28.30
CA TYR C 66 5.72 -19.02 29.07
C TYR C 66 4.68 -19.76 29.86
N THR C 67 4.30 -19.14 30.97
CA THR C 67 3.27 -19.67 31.87
C THR C 67 2.07 -18.72 31.93
N PHE C 68 0.87 -19.27 31.76
CA PHE C 68 -0.31 -18.46 32.03
C PHE C 68 -1.28 -19.05 33.05
N ASP C 69 -2.36 -18.32 33.31
CA ASP C 69 -3.43 -18.80 34.16
C ASP C 69 -4.23 -19.89 33.48
N MET C 70 -4.08 -20.05 32.18
CA MET C 70 -4.75 -21.12 31.44
C MET C 70 -4.15 -21.23 30.05
N VAL C 71 -4.14 -22.41 29.48
CA VAL C 71 -3.61 -22.61 28.14
C VAL C 71 -4.54 -23.55 27.37
N PHE C 72 -5.11 -23.05 26.28
CA PHE C 72 -5.97 -23.89 25.46
C PHE C 72 -5.28 -24.23 24.15
N GLY C 73 -5.32 -25.51 23.77
CA GLY C 73 -4.66 -25.95 22.56
C GLY C 73 -5.57 -25.71 21.37
N ALA C 74 -5.07 -26.14 20.21
CA ALA C 74 -5.74 -26.07 18.92
C ALA C 74 -7.00 -26.92 18.94
N SER C 75 -7.11 -27.74 19.98
CA SER C 75 -8.16 -28.74 20.12
C SER C 75 -9.38 -28.18 20.86
N THR C 76 -9.17 -27.10 21.63
CA THR C 76 -10.14 -26.60 22.59
C THR C 76 -11.43 -26.18 21.93
N LYS C 77 -12.55 -26.69 22.46
CA LYS C 77 -13.86 -26.43 21.91
C LYS C 77 -14.34 -25.12 22.51
N GLN C 78 -15.15 -24.39 21.78
CA GLN C 78 -15.63 -23.09 22.19
C GLN C 78 -16.17 -23.11 23.61
N ILE C 79 -17.00 -24.11 23.90
CA ILE C 79 -17.61 -24.28 25.22
C ILE C 79 -16.57 -24.44 26.33
N ASP C 80 -15.43 -25.05 26.04
CA ASP C 80 -14.43 -25.26 27.10
C ASP C 80 -13.93 -23.89 27.51
N VAL C 81 -13.89 -23.00 26.52
CA VAL C 81 -13.41 -21.64 26.72
C VAL C 81 -14.43 -20.88 27.53
N TYR C 82 -15.68 -21.02 27.12
CA TYR C 82 -16.78 -20.40 27.83
C TYR C 82 -16.72 -20.78 29.31
N ARG C 83 -16.75 -22.10 29.58
CA ARG C 83 -16.82 -22.66 30.94
C ARG C 83 -15.65 -22.16 31.77
N SER C 84 -14.45 -22.19 31.20
CA SER C 84 -13.27 -21.83 31.96
C SER C 84 -13.15 -20.33 32.20
N VAL C 85 -13.58 -19.50 31.24
CA VAL C 85 -13.19 -18.10 31.38
C VAL C 85 -14.37 -17.25 31.81
N VAL C 86 -15.53 -17.53 31.25
CA VAL C 86 -16.65 -16.61 31.37
C VAL C 86 -17.43 -16.78 32.68
N CYS C 87 -17.88 -18.01 32.97
CA CYS C 87 -18.71 -18.32 34.14
C CYS C 87 -18.24 -17.66 35.42
N PRO C 88 -17.00 -17.94 35.84
CA PRO C 88 -16.60 -17.27 37.06
C PRO C 88 -16.72 -15.75 36.92
N ILE C 89 -16.53 -15.22 35.71
CA ILE C 89 -16.64 -13.76 35.48
C ILE C 89 -18.12 -13.35 35.48
N LEU C 90 -18.94 -14.12 34.77
CA LEU C 90 -20.35 -13.86 34.66
C LEU C 90 -21.00 -13.85 36.05
N ASP C 91 -20.70 -14.85 36.88
CA ASP C 91 -20.99 -14.74 38.30
C ASP C 91 -20.72 -13.36 38.90
N GLU C 92 -19.51 -12.83 38.80
CA GLU C 92 -19.26 -11.48 39.33
C GLU C 92 -20.16 -10.41 38.74
N VAL C 93 -20.52 -10.54 37.46
CA VAL C 93 -21.38 -9.52 36.85
C VAL C 93 -22.71 -9.52 37.57
N ILE C 94 -23.22 -10.72 37.85
CA ILE C 94 -24.50 -10.93 38.53
C ILE C 94 -24.49 -10.32 39.95
N MET C 95 -23.41 -10.54 40.69
CA MET C 95 -23.20 -9.87 41.96
C MET C 95 -23.10 -8.37 41.80
N GLY C 96 -23.42 -7.85 40.61
CA GLY C 96 -23.47 -6.40 40.37
C GLY C 96 -22.18 -5.62 40.17
N TYR C 97 -21.20 -6.23 39.49
CA TYR C 97 -19.90 -5.59 39.22
C TYR C 97 -19.65 -5.30 37.72
N ASN C 98 -18.51 -4.68 37.39
CA ASN C 98 -18.21 -4.30 35.99
C ASN C 98 -16.98 -4.97 35.43
N CYS C 99 -17.18 -5.84 34.45
CA CYS C 99 -16.09 -6.66 33.96
C CYS C 99 -15.87 -6.62 32.45
N THR C 100 -14.60 -6.75 32.07
CA THR C 100 -14.20 -6.78 30.68
C THR C 100 -13.44 -8.03 30.35
N ILE C 101 -13.79 -8.65 29.23
CA ILE C 101 -12.93 -9.67 28.64
C ILE C 101 -12.43 -9.23 27.24
N PHE C 102 -11.11 -9.21 27.06
CA PHE C 102 -10.54 -8.85 25.78
C PHE C 102 -10.08 -10.08 25.02
N ALA C 103 -10.26 -10.06 23.71
CA ALA C 103 -9.49 -10.95 22.82
C ALA C 103 -8.35 -10.16 22.17
N TYR C 104 -7.14 -10.76 22.17
CA TYR C 104 -5.96 -10.04 21.70
C TYR C 104 -4.99 -10.87 20.84
N GLY C 105 -4.52 -10.27 19.73
CA GLY C 105 -3.52 -10.95 18.91
C GLY C 105 -3.47 -10.57 17.43
N GLN C 106 -2.66 -11.28 16.69
CA GLN C 106 -2.44 -10.99 15.30
C GLN C 106 -3.69 -11.29 14.50
N THR C 107 -3.92 -10.54 13.42
CA THR C 107 -5.05 -10.82 12.53
C THR C 107 -4.92 -12.24 12.05
N GLY C 108 -6.07 -12.91 11.96
CA GLY C 108 -6.09 -14.27 11.50
C GLY C 108 -5.95 -15.35 12.56
N THR C 109 -5.78 -14.98 13.83
CA THR C 109 -5.54 -15.98 14.88
C THR C 109 -6.74 -16.39 15.75
N GLY C 110 -7.94 -15.93 15.42
CA GLY C 110 -9.12 -16.40 16.10
C GLY C 110 -9.70 -15.50 17.17
N LYS C 111 -9.49 -14.20 17.04
CA LYS C 111 -10.08 -13.28 17.98
C LYS C 111 -11.59 -13.25 17.79
N THR C 112 -12.03 -13.08 16.55
CA THR C 112 -13.46 -13.03 16.30
C THR C 112 -14.09 -14.39 16.50
N PHE C 113 -13.35 -15.45 16.20
CA PHE C 113 -13.84 -16.78 16.47
C PHE C 113 -14.11 -16.95 17.98
N THR C 114 -13.19 -16.50 18.80
CA THR C 114 -13.39 -16.60 20.21
C THR C 114 -14.54 -15.72 20.70
N MET C 115 -14.46 -14.42 20.41
CA MET C 115 -15.37 -13.52 21.08
C MET C 115 -16.79 -13.74 20.63
N GLU C 116 -16.97 -14.15 19.39
CA GLU C 116 -18.33 -14.28 18.94
C GLU C 116 -18.68 -15.55 18.18
N GLY C 117 -17.67 -16.23 17.66
CA GLY C 117 -17.83 -17.53 17.00
C GLY C 117 -18.49 -17.45 15.65
N GLU C 118 -18.86 -18.60 15.10
CA GLU C 118 -19.47 -18.62 13.75
C GLU C 118 -20.74 -19.47 13.69
N ARG C 119 -21.50 -19.30 12.59
CA ARG C 119 -22.68 -20.13 12.30
C ARG C 119 -22.25 -21.35 11.52
N SER C 120 -22.67 -22.53 11.98
CA SER C 120 -22.48 -23.77 11.26
C SER C 120 -23.38 -23.69 10.04
N PRO C 121 -22.84 -24.04 8.85
CA PRO C 121 -23.52 -23.94 7.55
C PRO C 121 -24.83 -24.74 7.47
N ASN C 122 -25.78 -24.25 6.65
CA ASN C 122 -27.06 -24.91 6.47
C ASN C 122 -27.75 -25.19 7.80
N GLU C 123 -28.54 -24.24 8.29
CA GLU C 123 -29.06 -24.27 9.68
C GLU C 123 -29.09 -25.67 10.25
N GLU C 124 -28.09 -26.01 11.06
CA GLU C 124 -27.84 -27.41 11.42
C GLU C 124 -28.04 -27.70 12.90
N TYR C 125 -27.76 -26.70 13.72
CA TYR C 125 -28.19 -26.66 15.13
C TYR C 125 -28.88 -25.31 15.35
N THR C 126 -29.61 -25.17 16.45
CA THR C 126 -30.12 -23.86 16.88
C THR C 126 -28.91 -22.96 17.22
N TRP C 127 -29.11 -21.65 17.17
CA TRP C 127 -28.05 -20.73 17.58
C TRP C 127 -27.39 -21.10 18.91
N GLU C 128 -28.19 -21.52 19.88
CA GLU C 128 -27.63 -21.80 21.20
C GLU C 128 -27.02 -23.19 21.31
N GLU C 129 -27.37 -24.05 20.35
CA GLU C 129 -26.82 -25.40 20.28
C GLU C 129 -25.53 -25.45 19.49
N ASP C 130 -25.41 -24.53 18.53
CA ASP C 130 -24.26 -24.42 17.63
C ASP C 130 -22.89 -24.53 18.35
N PRO C 131 -22.11 -25.56 17.97
CA PRO C 131 -20.85 -25.76 18.71
C PRO C 131 -19.80 -24.71 18.33
N LEU C 132 -20.04 -23.98 17.23
CA LEU C 132 -19.14 -22.93 16.74
C LEU C 132 -19.38 -21.55 17.35
N ALA C 133 -20.43 -21.42 18.13
CA ALA C 133 -20.76 -20.18 18.80
C ALA C 133 -19.70 -19.77 19.84
N GLY C 134 -19.34 -18.47 19.85
CA GLY C 134 -18.29 -17.93 20.71
C GLY C 134 -18.81 -17.45 22.04
N ILE C 135 -18.10 -16.50 22.66
CA ILE C 135 -18.39 -16.06 24.02
C ILE C 135 -19.68 -15.24 24.08
N ILE C 136 -19.88 -14.37 23.10
CA ILE C 136 -21.01 -13.44 23.15
C ILE C 136 -22.33 -14.19 23.16
N PRO C 137 -22.58 -15.00 22.13
CA PRO C 137 -23.90 -15.62 22.08
C PRO C 137 -24.12 -16.59 23.24
N ARG C 138 -23.04 -17.23 23.72
CA ARG C 138 -23.13 -18.14 24.86
C ARG C 138 -23.51 -17.34 26.09
N THR C 139 -22.80 -16.25 26.32
CA THR C 139 -23.05 -15.43 27.49
C THR C 139 -24.49 -14.98 27.54
N LEU C 140 -25.06 -14.67 26.39
CA LEU C 140 -26.38 -14.13 26.42
C LEU C 140 -27.29 -15.25 26.86
N HIS C 141 -27.16 -16.41 26.23
CA HIS C 141 -27.96 -17.57 26.60
C HIS C 141 -27.91 -17.84 28.11
N GLN C 142 -26.71 -17.89 28.67
CA GLN C 142 -26.59 -18.14 30.11
C GLN C 142 -27.23 -17.07 30.98
N ILE C 143 -27.13 -15.79 30.63
CA ILE C 143 -27.72 -14.73 31.44
C ILE C 143 -29.20 -15.01 31.73
N PHE C 144 -29.97 -15.38 30.72
CA PHE C 144 -31.37 -15.65 30.96
C PHE C 144 -31.56 -16.95 31.72
N GLU C 145 -31.02 -18.04 31.15
CA GLU C 145 -30.97 -19.34 31.80
C GLU C 145 -30.82 -19.23 33.32
N LYS C 146 -29.82 -18.46 33.74
CA LYS C 146 -29.40 -18.44 35.12
C LYS C 146 -30.30 -17.58 35.98
N LEU C 147 -30.97 -16.62 35.36
CA LEU C 147 -31.70 -15.60 36.08
C LEU C 147 -33.20 -15.82 36.01
N THR C 148 -33.63 -16.49 34.94
CA THR C 148 -35.02 -16.89 34.79
C THR C 148 -35.33 -17.90 35.91
N ASP C 149 -34.38 -18.80 36.18
CA ASP C 149 -34.56 -19.84 37.21
C ASP C 149 -34.06 -19.48 38.63
N ASN C 150 -33.30 -18.38 38.73
CA ASN C 150 -32.95 -17.86 40.05
C ASN C 150 -34.15 -17.25 40.79
N GLY C 151 -35.12 -16.73 40.03
CA GLY C 151 -36.33 -16.19 40.65
C GLY C 151 -36.60 -14.70 40.58
N THR C 152 -35.63 -13.87 41.01
CA THR C 152 -35.79 -12.40 41.07
C THR C 152 -36.12 -11.69 39.74
N GLU C 153 -36.46 -10.41 39.81
CA GLU C 153 -36.78 -9.64 38.61
C GLU C 153 -35.53 -8.97 37.99
N PHE C 154 -35.46 -8.95 36.67
CA PHE C 154 -34.23 -8.53 35.98
C PHE C 154 -34.52 -8.03 34.57
N SER C 155 -33.71 -7.08 34.15
CA SER C 155 -33.72 -6.69 32.75
C SER C 155 -32.31 -6.78 32.18
N VAL C 156 -32.24 -6.90 30.86
CA VAL C 156 -31.01 -7.09 30.10
C VAL C 156 -30.97 -6.23 28.82
N LYS C 157 -29.90 -5.45 28.73
CA LYS C 157 -29.69 -4.42 27.71
C LYS C 157 -28.34 -4.73 27.02
N VAL C 158 -28.31 -4.68 25.69
CA VAL C 158 -27.03 -4.83 24.98
C VAL C 158 -26.68 -3.63 24.10
N SER C 159 -25.38 -3.38 23.96
CA SER C 159 -24.92 -2.44 22.94
C SER C 159 -23.71 -2.98 22.17
N LEU C 160 -23.49 -2.43 20.98
CA LEU C 160 -22.37 -2.90 20.14
C LEU C 160 -21.84 -1.76 19.30
N LEU C 161 -20.60 -1.40 19.54
CA LEU C 161 -20.08 -0.28 18.81
C LEU C 161 -18.70 -0.61 18.29
N GLU C 162 -18.24 0.08 17.26
CA GLU C 162 -16.89 -0.16 16.85
C GLU C 162 -16.10 1.13 16.76
N ILE C 163 -14.79 0.96 16.84
CA ILE C 163 -13.84 2.03 16.84
C ILE C 163 -12.86 1.80 15.69
N TYR C 164 -12.74 2.81 14.84
CA TYR C 164 -11.93 2.70 13.63
C TYR C 164 -11.35 4.06 13.33
N ASN C 165 -10.04 4.19 13.41
CA ASN C 165 -9.41 5.48 13.18
C ASN C 165 -9.97 6.49 14.20
N GLU C 166 -10.17 6.01 15.44
CA GLU C 166 -10.74 6.80 16.55
C GLU C 166 -12.12 7.44 16.28
N GLU C 167 -12.87 6.87 15.35
CA GLU C 167 -14.25 7.29 15.13
C GLU C 167 -15.11 6.15 15.66
N LEU C 168 -16.36 6.45 16.03
CA LEU C 168 -17.24 5.45 16.68
C LEU C 168 -18.49 5.14 15.88
N PHE C 169 -18.72 3.84 15.65
CA PHE C 169 -19.89 3.39 14.91
C PHE C 169 -20.79 2.49 15.74
N ASP C 170 -22.09 2.57 15.47
CA ASP C 170 -23.11 1.91 16.28
C ASP C 170 -23.75 0.81 15.44
N LEU C 171 -23.36 -0.43 15.74
CA LEU C 171 -23.83 -1.54 14.93
C LEU C 171 -25.29 -1.93 15.13
N LEU C 172 -25.88 -1.56 16.27
CA LEU C 172 -27.28 -1.92 16.48
C LEU C 172 -28.25 -0.79 16.28
N ASN C 173 -27.79 0.32 15.72
CA ASN C 173 -28.63 1.47 15.60
C ASN C 173 -29.72 1.32 14.53
N PRO C 174 -30.90 1.93 14.77
CA PRO C 174 -31.99 1.90 13.78
C PRO C 174 -31.68 2.71 12.51
N SER C 175 -30.68 3.58 12.57
CA SER C 175 -30.24 4.25 11.36
C SER C 175 -29.72 3.26 10.33
N SER C 176 -30.19 3.40 9.10
CA SER C 176 -29.77 2.48 8.06
C SER C 176 -28.34 2.70 7.52
N ASP C 177 -27.72 3.85 7.81
CA ASP C 177 -26.36 4.16 7.36
C ASP C 177 -25.33 3.87 8.46
N VAL C 178 -24.65 2.75 8.39
CA VAL C 178 -23.71 2.44 9.46
C VAL C 178 -22.69 3.55 9.69
N SER C 179 -22.53 4.45 8.73
CA SER C 179 -21.43 5.41 8.79
C SER C 179 -21.73 6.63 9.70
N GLU C 180 -22.95 6.75 10.21
CA GLU C 180 -23.25 7.79 11.20
C GLU C 180 -22.48 7.59 12.53
N ARG C 181 -21.73 8.59 12.96
CA ARG C 181 -20.77 8.46 14.06
C ARG C 181 -21.29 8.90 15.42
N LEU C 182 -21.04 8.08 16.43
CA LEU C 182 -21.35 8.38 17.80
C LEU C 182 -20.42 9.45 18.29
N GLN C 183 -20.72 10.00 19.47
CA GLN C 183 -19.76 10.84 20.21
C GLN C 183 -19.64 10.46 21.68
N MET C 184 -18.54 10.89 22.29
CA MET C 184 -18.24 10.44 23.61
C MET C 184 -18.05 11.66 24.51
N PHE C 185 -18.79 11.69 25.61
CA PHE C 185 -18.65 12.73 26.64
C PHE C 185 -18.48 12.11 28.02
N ASP C 186 -17.58 12.71 28.81
CA ASP C 186 -17.56 12.55 30.29
C ASP C 186 -18.92 12.53 30.99
N ASP C 187 -19.17 11.47 31.77
CA ASP C 187 -20.46 11.28 32.45
C ASP C 187 -20.46 12.09 33.74
N PRO C 188 -21.42 13.05 33.89
CA PRO C 188 -21.36 13.93 35.07
C PRO C 188 -21.76 13.19 36.37
N ARG C 189 -22.57 12.15 36.21
CA ARG C 189 -22.99 11.27 37.30
C ARG C 189 -21.97 10.16 37.64
N ASN C 190 -20.72 10.28 37.18
CA ASN C 190 -19.71 9.22 37.35
C ASN C 190 -18.40 9.80 36.83
N LYS C 191 -17.36 9.73 37.66
CA LYS C 191 -16.08 10.36 37.31
C LYS C 191 -15.18 9.38 36.55
N ARG C 192 -15.50 8.08 36.60
CA ARG C 192 -14.82 7.04 35.80
C ARG C 192 -15.54 6.65 34.49
N GLY C 193 -16.72 7.22 34.26
CA GLY C 193 -17.51 6.87 33.11
C GLY C 193 -17.54 7.91 32.01
N VAL C 194 -18.13 7.52 30.88
CA VAL C 194 -18.43 8.45 29.80
C VAL C 194 -19.82 8.14 29.29
N ILE C 195 -20.37 9.09 28.53
CA ILE C 195 -21.63 8.87 27.80
C ILE C 195 -21.33 8.79 26.31
N ILE C 196 -21.84 7.73 25.68
CA ILE C 196 -21.76 7.58 24.26
C ILE C 196 -23.05 8.17 23.70
N LYS C 197 -22.99 9.45 23.38
CA LYS C 197 -24.08 10.19 22.74
C LYS C 197 -24.50 9.54 21.43
N GLY C 198 -25.73 9.06 21.37
CA GLY C 198 -26.27 8.41 20.17
C GLY C 198 -26.32 6.88 20.25
N LEU C 199 -25.63 6.29 21.21
CA LEU C 199 -25.54 4.83 21.31
C LEU C 199 -26.90 4.18 21.56
N GLU C 200 -27.26 3.29 20.65
CA GLU C 200 -28.45 2.50 20.82
C GLU C 200 -28.21 1.35 21.82
N GLU C 201 -29.14 1.18 22.75
CA GLU C 201 -29.06 0.03 23.65
C GLU C 201 -30.35 -0.73 23.54
N ILE C 202 -30.28 -2.03 23.32
CA ILE C 202 -31.53 -2.71 23.09
C ILE C 202 -31.87 -3.58 24.28
N THR C 203 -33.12 -3.43 24.71
CA THR C 203 -33.71 -4.34 25.68
C THR C 203 -33.92 -5.71 25.04
N VAL C 204 -33.26 -6.69 25.66
CA VAL C 204 -33.37 -8.08 25.28
C VAL C 204 -34.36 -8.78 26.26
N HIS C 205 -35.62 -8.87 25.84
CA HIS C 205 -36.72 -9.27 26.70
C HIS C 205 -36.68 -10.74 27.07
N ASN C 206 -36.05 -11.54 26.23
CA ASN C 206 -35.98 -12.99 26.42
C ASN C 206 -35.04 -13.65 25.42
N LYS C 207 -34.45 -14.77 25.83
CA LYS C 207 -33.72 -15.68 24.95
C LYS C 207 -34.08 -15.55 23.46
N ASP C 208 -35.37 -15.47 23.17
CA ASP C 208 -35.81 -15.53 21.77
C ASP C 208 -35.67 -14.23 21.01
N GLU C 209 -35.20 -13.18 21.69
CA GLU C 209 -34.94 -11.90 21.01
C GLU C 209 -33.48 -11.74 20.55
N VAL C 210 -32.61 -12.59 21.08
CA VAL C 210 -31.15 -12.53 20.88
C VAL C 210 -30.65 -12.58 19.43
N TYR C 211 -30.98 -13.65 18.72
CA TYR C 211 -30.42 -13.90 17.40
C TYR C 211 -30.63 -12.79 16.37
N GLN C 212 -31.88 -12.38 16.18
N GLN C 212 -31.87 -12.36 16.15
CA GLN C 212 -32.22 -11.26 15.30
CA GLN C 212 -32.15 -11.26 15.23
C GLN C 212 -31.36 -10.03 15.56
C GLN C 212 -31.31 -10.02 15.54
N ILE C 213 -31.04 -9.79 16.83
CA ILE C 213 -30.21 -8.66 17.23
C ILE C 213 -28.79 -8.88 16.74
N LEU C 214 -28.20 -10.01 17.11
CA LEU C 214 -26.90 -10.35 16.61
C LEU C 214 -26.81 -10.38 15.08
N GLU C 215 -27.89 -10.71 14.40
CA GLU C 215 -27.90 -10.80 12.94
C GLU C 215 -27.86 -9.41 12.30
N LYS C 216 -28.60 -8.47 12.86
CA LYS C 216 -28.64 -7.11 12.34
C LYS C 216 -27.30 -6.44 12.57
N GLY C 217 -26.68 -6.76 13.71
CA GLY C 217 -25.34 -6.29 14.02
C GLY C 217 -24.30 -6.80 13.04
N ALA C 218 -24.32 -8.10 12.73
CA ALA C 218 -23.44 -8.63 11.71
C ALA C 218 -23.64 -7.93 10.34
N ALA C 219 -24.89 -7.80 9.90
CA ALA C 219 -25.19 -7.18 8.62
C ALA C 219 -24.57 -5.79 8.51
N LYS C 220 -24.59 -5.01 9.59
CA LYS C 220 -24.03 -3.65 9.60
C LYS C 220 -22.51 -3.67 9.50
N ARG C 221 -21.90 -4.63 10.21
CA ARG C 221 -20.47 -4.80 10.24
C ARG C 221 -19.94 -5.23 8.85
N THR C 222 -20.68 -6.12 8.20
CA THR C 222 -20.38 -6.53 6.84
C THR C 222 -20.34 -5.28 6.00
N THR C 223 -21.35 -4.42 6.11
CA THR C 223 -21.32 -3.13 5.40
C THR C 223 -20.15 -2.22 5.82
N ALA C 224 -19.93 -2.04 7.12
CA ALA C 224 -18.81 -1.22 7.53
C ALA C 224 -17.57 -1.61 6.73
N ALA C 225 -17.27 -2.92 6.66
CA ALA C 225 -16.02 -3.42 6.04
C ALA C 225 -15.84 -3.07 4.56
N THR C 226 -16.92 -2.91 3.83
CA THR C 226 -16.82 -2.48 2.44
C THR C 226 -16.72 -0.96 2.28
N LEU C 227 -16.71 -0.20 3.37
CA LEU C 227 -16.72 1.23 3.24
C LEU C 227 -15.40 1.80 3.62
N MET C 228 -14.70 1.08 4.49
CA MET C 228 -13.43 1.57 5.01
C MET C 228 -12.33 0.54 4.92
N ASN C 229 -11.11 1.03 4.71
CA ASN C 229 -9.99 0.17 4.31
C ASN C 229 -9.51 -0.67 5.49
N ALA C 230 -9.37 -1.99 5.27
CA ALA C 230 -8.95 -2.95 6.32
C ALA C 230 -9.80 -2.74 7.59
N TYR C 231 -11.12 -2.65 7.40
CA TYR C 231 -11.97 -2.29 8.51
C TYR C 231 -11.90 -3.43 9.53
N SER C 232 -11.95 -4.65 9.02
CA SER C 232 -11.94 -5.82 9.89
C SER C 232 -10.77 -5.92 10.88
N SER C 233 -9.55 -5.64 10.44
CA SER C 233 -8.38 -5.83 11.31
C SER C 233 -7.96 -4.61 12.09
N ARG C 234 -8.41 -3.46 11.63
CA ARG C 234 -8.05 -2.18 12.20
C ARG C 234 -9.11 -1.70 13.18
N SER C 235 -10.17 -2.46 13.39
CA SER C 235 -11.19 -2.00 14.30
C SER C 235 -11.28 -2.82 15.58
N HIS C 236 -11.74 -2.11 16.61
CA HIS C 236 -12.14 -2.65 17.92
C HIS C 236 -13.67 -2.86 18.02
N SER C 237 -14.05 -4.05 18.46
CA SER C 237 -15.44 -4.30 18.80
C SER C 237 -15.64 -4.36 20.31
N VAL C 238 -16.56 -3.51 20.78
CA VAL C 238 -17.03 -3.52 22.15
C VAL C 238 -18.51 -3.99 22.21
N PHE C 239 -18.71 -5.26 22.58
CA PHE C 239 -20.06 -5.74 22.87
C PHE C 239 -20.29 -5.60 24.37
N SER C 240 -21.42 -5.03 24.75
CA SER C 240 -21.66 -4.69 26.16
C SER C 240 -22.99 -5.23 26.63
N VAL C 241 -22.98 -6.06 27.68
CA VAL C 241 -24.24 -6.41 28.38
C VAL C 241 -24.38 -5.74 29.74
N THR C 242 -25.55 -5.14 29.95
CA THR C 242 -25.91 -4.55 31.23
C THR C 242 -27.15 -5.30 31.78
N ILE C 243 -27.00 -5.89 32.96
CA ILE C 243 -28.09 -6.53 33.67
C ILE C 243 -28.52 -5.69 34.87
N HIS C 244 -29.83 -5.47 34.92
CA HIS C 244 -30.50 -4.74 36.01
C HIS C 244 -31.27 -5.72 36.88
N MET C 245 -30.96 -5.70 38.15
CA MET C 245 -31.48 -6.68 39.10
C MET C 245 -32.19 -6.01 40.27
N LYS C 246 -33.51 -6.18 40.27
CA LYS C 246 -34.40 -5.65 41.29
C LYS C 246 -34.51 -6.62 42.48
N GLU C 247 -34.55 -6.08 43.69
CA GLU C 247 -35.17 -6.78 44.82
C GLU C 247 -35.82 -5.79 45.79
N THR C 248 -37.05 -6.09 46.19
CA THR C 248 -37.75 -5.29 47.19
C THR C 248 -37.44 -5.79 48.59
N THR C 249 -37.45 -4.89 49.58
CA THR C 249 -37.40 -5.22 51.01
C THR C 249 -38.77 -5.61 51.56
N ILE C 250 -38.77 -6.09 52.79
CA ILE C 250 -40.02 -6.48 53.42
C ILE C 250 -41.05 -5.35 53.49
N ASP C 251 -40.60 -4.10 53.61
CA ASP C 251 -41.55 -2.99 53.64
C ASP C 251 -41.53 -2.11 52.40
N GLY C 252 -41.10 -2.69 51.28
CA GLY C 252 -41.37 -2.16 49.94
C GLY C 252 -40.33 -1.31 49.26
N GLU C 253 -39.17 -1.07 49.89
CA GLU C 253 -38.10 -0.32 49.24
C GLU C 253 -37.33 -1.20 48.25
N GLU C 254 -36.80 -0.59 47.19
CA GLU C 254 -36.17 -1.32 46.08
C GLU C 254 -34.65 -1.16 45.99
N LEU C 255 -33.92 -2.27 46.18
CA LEU C 255 -32.46 -2.32 46.07
C LEU C 255 -32.09 -2.86 44.69
N VAL C 256 -31.50 -1.99 43.85
CA VAL C 256 -31.11 -2.37 42.50
C VAL C 256 -29.65 -2.87 42.55
N LYS C 257 -29.32 -3.93 41.81
CA LYS C 257 -27.92 -4.26 41.51
C LYS C 257 -27.77 -3.96 40.02
N ILE C 258 -26.60 -3.49 39.59
CA ILE C 258 -26.36 -3.31 38.16
C ILE C 258 -25.09 -4.03 37.77
N GLY C 259 -25.23 -4.99 36.86
CA GLY C 259 -24.09 -5.71 36.32
C GLY C 259 -23.77 -5.35 34.88
N LYS C 260 -22.47 -5.37 34.59
CA LYS C 260 -21.98 -4.84 33.34
C LYS C 260 -20.82 -5.72 32.88
N LEU C 261 -21.01 -6.37 31.73
CA LEU C 261 -19.95 -7.12 31.05
C LEU C 261 -19.58 -6.59 29.64
N ASN C 262 -18.30 -6.22 29.48
CA ASN C 262 -17.74 -5.87 28.19
C ASN C 262 -16.89 -6.97 27.55
N LEU C 263 -17.35 -7.35 26.37
CA LEU C 263 -16.70 -8.33 25.53
C LEU C 263 -16.06 -7.53 24.38
N VAL C 264 -14.73 -7.52 24.44
CA VAL C 264 -13.94 -6.73 23.54
C VAL C 264 -13.03 -7.49 22.58
N ASP C 265 -13.34 -7.36 21.29
CA ASP C 265 -12.58 -7.92 20.16
C ASP C 265 -11.61 -6.84 19.62
N LEU C 266 -10.39 -6.77 20.17
CA LEU C 266 -9.45 -5.71 19.83
C LEU C 266 -8.95 -5.74 18.38
N ALA C 267 -8.43 -4.62 17.89
CA ALA C 267 -7.77 -4.61 16.58
C ALA C 267 -6.52 -5.49 16.57
N GLY C 268 -6.22 -6.06 15.42
CA GLY C 268 -5.03 -6.90 15.23
C GLY C 268 -3.73 -6.27 15.68
N SER C 269 -2.87 -7.07 16.29
CA SER C 269 -1.69 -6.57 16.97
C SER C 269 -0.43 -6.44 16.15
N GLU C 270 -0.47 -6.91 14.91
CA GLU C 270 0.72 -6.96 14.05
C GLU C 270 1.40 -5.60 13.79
N ASN C 271 2.64 -5.65 13.33
CA ASN C 271 3.42 -4.42 13.10
C ASN C 271 4.17 -4.38 11.74
N ASN C 289 -2.54 3.30 15.43
CA ASN C 289 -3.66 2.81 16.23
C ASN C 289 -3.60 3.23 17.70
N GLN C 290 -4.15 4.43 17.93
CA GLN C 290 -4.17 5.12 19.22
C GLN C 290 -4.74 4.26 20.35
N SER C 291 -5.91 3.67 20.10
CA SER C 291 -6.57 2.85 21.13
C SER C 291 -5.70 1.65 21.54
N LEU C 292 -5.01 1.05 20.58
CA LEU C 292 -4.28 -0.21 20.84
C LEU C 292 -3.05 -0.02 21.72
N LEU C 293 -2.20 0.96 21.39
CA LEU C 293 -0.99 1.20 22.19
C LEU C 293 -1.30 1.69 23.60
N THR C 294 -2.16 2.70 23.66
CA THR C 294 -2.79 3.25 24.89
C THR C 294 -3.31 2.20 25.87
N LEU C 295 -4.06 1.23 25.35
CA LEU C 295 -4.50 0.11 26.19
C LEU C 295 -3.31 -0.60 26.82
N GLY C 296 -2.31 -0.90 25.99
CA GLY C 296 -1.12 -1.57 26.45
C GLY C 296 -0.58 -0.83 27.65
N ARG C 297 -0.40 0.48 27.49
CA ARG C 297 0.13 1.23 28.61
C ARG C 297 -0.79 1.28 29.83
N VAL C 298 -2.10 1.30 29.62
CA VAL C 298 -3.04 1.27 30.74
C VAL C 298 -2.86 -0.03 31.48
N ILE C 299 -2.75 -1.12 30.74
CA ILE C 299 -2.58 -2.42 31.37
C ILE C 299 -1.27 -2.49 32.16
N THR C 300 -0.21 -1.89 31.63
CA THR C 300 1.04 -1.81 32.37
C THR C 300 0.83 -1.01 33.66
N ALA C 301 0.35 0.22 33.52
CA ALA C 301 0.16 1.10 34.68
C ALA C 301 -0.67 0.43 35.78
N LEU C 302 -1.54 -0.48 35.40
CA LEU C 302 -2.30 -1.20 36.42
C LEU C 302 -1.47 -2.30 37.10
N VAL C 303 -0.40 -2.73 36.46
CA VAL C 303 0.27 -3.98 36.83
C VAL C 303 1.41 -3.75 37.83
N GLU C 304 2.48 -3.11 37.35
CA GLU C 304 3.37 -2.30 38.17
C GLU C 304 2.60 -1.01 38.44
N ARG C 305 2.21 -0.80 39.70
CA ARG C 305 1.11 0.09 40.09
C ARG C 305 1.41 1.60 39.97
N THR C 306 1.88 2.08 38.81
CA THR C 306 2.29 3.49 38.61
C THR C 306 1.05 4.39 38.78
N PRO C 307 1.19 5.48 39.58
CA PRO C 307 0.02 6.25 40.10
C PRO C 307 -0.93 6.88 39.05
N HIS C 308 -0.40 7.35 37.93
CA HIS C 308 -1.28 7.87 36.87
C HIS C 308 -1.53 6.85 35.74
N VAL C 309 -2.78 6.40 35.60
CA VAL C 309 -3.17 5.46 34.55
C VAL C 309 -3.93 6.21 33.46
N PRO C 310 -3.39 6.21 32.23
CA PRO C 310 -3.79 7.10 31.12
C PRO C 310 -5.05 6.80 30.30
N TYR C 311 -6.14 6.46 30.97
CA TYR C 311 -7.43 6.25 30.30
C TYR C 311 -7.81 7.29 29.24
N ARG C 312 -7.51 8.54 29.54
CA ARG C 312 -8.01 9.64 28.74
C ARG C 312 -7.46 9.58 27.31
N GLU C 313 -6.25 9.05 27.16
CA GLU C 313 -5.50 9.03 25.89
C GLU C 313 -6.16 8.37 24.67
N SER C 314 -7.03 7.38 24.88
CA SER C 314 -7.74 6.74 23.76
C SER C 314 -9.24 6.56 23.95
N LYS C 315 -9.96 6.47 22.84
CA LYS C 315 -11.38 6.25 22.89
C LYS C 315 -11.72 4.99 23.68
N LEU C 316 -10.93 3.95 23.45
CA LEU C 316 -11.22 2.63 23.96
C LEU C 316 -11.00 2.55 25.46
N THR C 317 -9.84 3.02 25.92
CA THR C 317 -9.61 3.05 27.36
C THR C 317 -10.53 4.02 28.11
N ARG C 318 -11.19 4.99 27.45
CA ARG C 318 -12.14 5.86 28.14
C ARG C 318 -13.49 5.14 28.29
N ILE C 319 -13.91 4.48 27.21
CA ILE C 319 -15.07 3.63 27.23
C ILE C 319 -14.90 2.56 28.31
N LEU C 320 -13.73 1.93 28.34
CA LEU C 320 -13.47 0.84 29.28
C LEU C 320 -13.13 1.19 30.75
N GLN C 321 -12.37 2.25 31.00
CA GLN C 321 -12.03 2.73 32.34
C GLN C 321 -12.91 2.20 33.51
N ASP C 322 -14.20 2.51 33.45
CA ASP C 322 -15.15 2.12 34.46
C ASP C 322 -15.11 0.64 34.85
N SER C 323 -14.86 -0.24 33.88
CA SER C 323 -14.77 -1.66 34.22
C SER C 323 -13.33 -2.12 34.37
N LEU C 324 -12.40 -1.21 34.63
CA LEU C 324 -11.00 -1.56 34.91
C LEU C 324 -10.47 -0.85 36.15
N GLY C 325 -9.37 -1.37 36.68
CA GLY C 325 -8.72 -0.73 37.81
C GLY C 325 -8.44 -1.71 38.94
N GLY C 326 -9.01 -2.91 38.85
CA GLY C 326 -9.12 -3.82 39.98
C GLY C 326 -10.45 -3.51 40.64
N ARG C 327 -10.82 -4.33 41.63
CA ARG C 327 -12.17 -4.38 42.19
C ARG C 327 -13.11 -5.08 41.23
N THR C 328 -12.65 -5.35 40.00
CA THR C 328 -13.48 -5.99 39.00
C THR C 328 -12.58 -6.87 38.19
N ARG C 329 -13.07 -8.07 37.92
CA ARG C 329 -12.30 -9.08 37.22
C ARG C 329 -12.09 -8.67 35.77
N THR C 330 -10.83 -8.71 35.35
CA THR C 330 -10.51 -8.55 33.95
C THR C 330 -9.72 -9.72 33.45
N SER C 331 -10.14 -10.23 32.30
CA SER C 331 -9.30 -11.21 31.68
C SER C 331 -8.95 -10.90 30.21
N ILE C 332 -7.90 -11.56 29.75
CA ILE C 332 -7.35 -11.40 28.41
C ILE C 332 -7.12 -12.75 27.77
N ILE C 333 -7.83 -13.00 26.67
CA ILE C 333 -7.51 -14.14 25.87
C ILE C 333 -6.52 -13.66 24.79
N ALA C 334 -5.26 -14.10 24.90
CA ALA C 334 -4.27 -13.94 23.83
C ALA C 334 -4.41 -15.04 22.80
N THR C 335 -4.74 -14.71 21.55
CA THR C 335 -4.76 -15.77 20.54
C THR C 335 -3.45 -15.82 19.74
N ILE C 336 -2.84 -17.00 19.60
CA ILE C 336 -1.70 -17.20 18.69
C ILE C 336 -2.00 -18.21 17.62
N SER C 337 -1.16 -18.14 16.59
CA SER C 337 -1.06 -19.09 15.50
C SER C 337 0.07 -20.07 15.83
N PRO C 338 -0.01 -21.33 15.38
CA PRO C 338 1.07 -22.30 15.51
C PRO C 338 2.13 -22.29 14.39
N ALA C 339 1.84 -21.63 13.27
CA ALA C 339 2.77 -21.61 12.13
C ALA C 339 4.16 -21.05 12.43
N SER C 340 5.15 -21.66 11.79
CA SER C 340 6.52 -21.14 11.76
C SER C 340 6.61 -19.73 11.17
N LEU C 341 5.79 -19.48 10.16
CA LEU C 341 5.83 -18.19 9.49
C LEU C 341 5.57 -17.04 10.45
N ASN C 342 4.71 -17.29 11.44
CA ASN C 342 4.18 -16.27 12.34
C ASN C 342 5.01 -16.11 13.60
N LEU C 343 6.24 -16.60 13.52
CA LEU C 343 7.18 -16.59 14.66
C LEU C 343 7.20 -15.30 15.49
N GLU C 344 7.68 -14.24 14.88
CA GLU C 344 7.84 -12.95 15.51
C GLU C 344 6.54 -12.41 16.08
N GLU C 345 5.49 -12.52 15.28
CA GLU C 345 4.21 -11.98 15.73
CA GLU C 345 4.15 -12.05 15.65
C GLU C 345 3.67 -12.76 16.93
N THR C 346 3.84 -14.08 16.95
CA THR C 346 3.53 -14.94 18.08
C THR C 346 4.38 -14.60 19.33
N LEU C 347 5.71 -14.59 19.17
CA LEU C 347 6.54 -14.11 20.26
C LEU C 347 6.05 -12.79 20.80
N SER C 348 5.61 -11.90 19.92
CA SER C 348 5.29 -10.52 20.34
C SER C 348 4.00 -10.53 21.15
N THR C 349 2.96 -11.20 20.65
CA THR C 349 1.76 -11.46 21.39
C THR C 349 2.07 -11.98 22.78
N LEU C 350 2.94 -12.98 22.87
CA LEU C 350 3.27 -13.63 24.14
C LEU C 350 3.96 -12.66 25.09
N GLU C 351 4.95 -11.91 24.62
CA GLU C 351 5.58 -10.94 25.51
C GLU C 351 4.56 -9.90 26.04
N TYR C 352 3.50 -9.67 25.26
CA TYR C 352 2.54 -8.65 25.62
C TYR C 352 1.70 -9.17 26.79
N ALA C 353 1.24 -10.40 26.63
CA ALA C 353 0.44 -11.11 27.61
C ALA C 353 1.20 -11.32 28.94
N HIS C 354 2.43 -11.78 28.82
CA HIS C 354 3.38 -11.91 29.90
C HIS C 354 3.57 -10.63 30.71
N ARG C 355 3.61 -9.47 30.07
CA ARG C 355 3.70 -8.20 30.79
C ARG C 355 2.38 -7.89 31.50
N ALA C 356 1.25 -8.28 30.90
CA ALA C 356 -0.03 -8.07 31.56
C ALA C 356 -0.07 -8.83 32.89
N LYS C 357 0.46 -10.04 32.91
CA LYS C 357 0.68 -10.72 34.18
C LYS C 357 1.82 -11.71 34.13
N ASN C 358 2.78 -11.48 35.02
CA ASN C 358 4.09 -12.10 34.97
C ASN C 358 4.22 -13.25 35.97
N ILE C 359 4.02 -14.46 35.47
CA ILE C 359 4.29 -15.66 36.22
C ILE C 359 5.73 -16.12 35.89
N LEU C 360 6.46 -16.54 36.93
CA LEU C 360 7.74 -17.23 36.75
C LEU C 360 7.44 -18.67 36.30
N ASN C 361 8.33 -19.30 35.52
CA ASN C 361 8.18 -20.70 35.12
C ASN C 361 8.53 -21.68 36.23
N LYS C 362 7.83 -22.82 36.27
CA LYS C 362 8.19 -23.95 37.12
C LYS C 362 9.26 -24.79 36.38
N PRO C 363 9.92 -25.76 37.07
CA PRO C 363 10.95 -26.59 36.41
C PRO C 363 10.41 -27.84 35.70
#